data_5VZU
#
_entry.id   5VZU
#
_cell.length_a   87.679
_cell.length_b   156.235
_cell.length_c   155.522
_cell.angle_alpha   90.000
_cell.angle_beta   104.210
_cell.angle_gamma   90.000
#
_symmetry.space_group_name_H-M   'C 1 2 1'
#
loop_
_entity.id
_entity.type
_entity.pdbx_description
1 polymer 'S-phase kinase-associated protein 1'
2 polymer 'F-box only protein 31'
3 polymer 'Cyclin D1'
4 non-polymer 'ZINC ION'
5 non-polymer 'PHOSPHATE ION'
6 water water
#
loop_
_entity_poly.entity_id
_entity_poly.type
_entity_poly.pdbx_seq_one_letter_code
_entity_poly.pdbx_strand_id
1 'polypeptide(L)'
;MASIKLQSSDGEIFEVDVEIAKQSVTIKTMLEDLGMDPVPLPNVNAAILKKVIQWCTHHKDDPGGSGTDDIPVWDQEFLK
VDQGTLFELILAANYLDIKGLLDVTCKTVANMIKGKTPEEIRKTFNIKNDFTEEEEAQVRKENQWCEEK
;
A,C
2 'polypeptide(L)'
;MASWSHPQFEKSGRSLLELPPELLVEIFASLPGTDLPSLAQVCTKFRRILHTDTIWRRRCREEYGVCENLRKLEITGVSC
RDVYAKLLHRYRHILGLWQPDIGPYGGLLNVVVDGLFIIGWMYLPPHDPHVDDPMRFKPLFRIHLMERKAATVECMYGHK
GPHHGHIQIVKKDEFSTKCNQTDHHRMSGGRQEEFRTWLREEWGRTLEDIFHEHMQELILMKFIYTSQYDNCLTYRRIYL
PPSRPDDLIKPGLFKGTYGSHGLEIVMLSFHGRRARGTKITGDPNIPAGQQTVEIDLRHRIQLPDLENQRNFNELSRIVL
EVRERVRQEQQEGGHEAGEGRGRQGPRESQPSPAQPRAEAPSKGPDGTPGEDGGEPGDAVAAAEQPAQCGQGQPFVLPVG
VSSRNEDYPRTCRMCFYGTGLIAGHGFTSPERTPGVFILFDEDRFGFVWLELKSFSLYSRVQATFRNADAPSPQAFDEML
KNIQSLTS
;
B,D
3 'polypeptide(L)' EEVDLAC(TPO)PTDVRDVDI E,F
#
# COMPACT_ATOMS: atom_id res chain seq x y z
N ALA A 2 30.17 -17.77 33.03
CA ALA A 2 29.78 -16.74 32.01
C ALA A 2 30.43 -16.99 30.64
N SER A 3 31.71 -17.38 30.62
CA SER A 3 32.46 -17.52 29.36
C SER A 3 33.28 -18.82 29.26
N ILE A 4 33.23 -19.47 28.10
CA ILE A 4 34.16 -20.55 27.79
C ILE A 4 34.85 -20.28 26.46
N LYS A 5 35.86 -21.07 26.15
CA LYS A 5 36.68 -20.79 24.97
C LYS A 5 36.44 -21.82 23.89
N LEU A 6 36.33 -21.37 22.65
CA LEU A 6 36.17 -22.28 21.52
C LEU A 6 37.31 -22.13 20.55
N GLN A 7 37.72 -23.22 19.93
CA GLN A 7 38.87 -23.20 19.06
C GLN A 7 38.51 -23.66 17.68
N SER A 8 38.67 -22.73 16.73
CA SER A 8 38.38 -23.01 15.34
C SER A 8 39.38 -24.01 14.81
N SER A 9 39.02 -24.60 13.67
CA SER A 9 39.82 -25.61 13.01
C SER A 9 41.20 -25.08 12.65
N ASP A 10 41.24 -23.78 12.31
CA ASP A 10 42.49 -23.06 12.01
C ASP A 10 43.04 -22.32 13.22
N GLY A 11 42.86 -22.87 14.41
CA GLY A 11 43.52 -22.39 15.62
C GLY A 11 43.11 -21.07 16.26
N GLU A 12 42.09 -20.39 15.76
CA GLU A 12 41.69 -19.13 16.39
C GLU A 12 40.75 -19.42 17.55
N ILE A 13 40.97 -18.74 18.68
CA ILE A 13 40.25 -18.95 19.94
C ILE A 13 39.20 -17.88 20.23
N PHE A 14 37.99 -18.28 20.62
CA PHE A 14 36.89 -17.34 20.86
C PHE A 14 36.33 -17.49 22.28
N GLU A 15 36.30 -16.39 23.03
CA GLU A 15 35.65 -16.35 24.33
C GLU A 15 34.15 -16.17 24.01
N VAL A 16 33.31 -17.08 24.51
CA VAL A 16 31.90 -17.08 24.18
C VAL A 16 31.07 -17.32 25.42
N ASP A 17 29.98 -16.59 25.55
CA ASP A 17 29.09 -16.81 26.65
C ASP A 17 28.59 -18.25 26.75
N VAL A 18 28.64 -18.80 27.95
CA VAL A 18 28.32 -20.19 28.18
C VAL A 18 26.98 -20.58 27.58
N GLU A 19 25.94 -19.81 27.90
CA GLU A 19 24.58 -20.23 27.57
C GLU A 19 24.33 -20.12 26.08
N ILE A 20 25.09 -19.24 25.46
CA ILE A 20 25.12 -19.11 24.03
C ILE A 20 25.75 -20.36 23.41
N ALA A 21 26.93 -20.68 23.89
CA ALA A 21 27.65 -21.81 23.36
C ALA A 21 26.82 -23.08 23.48
N LYS A 22 26.06 -23.23 24.57
CA LYS A 22 25.32 -24.47 24.81
C LYS A 22 24.06 -24.64 23.98
N GLN A 23 23.77 -23.68 23.10
CA GLN A 23 22.76 -23.94 22.07
C GLN A 23 23.27 -25.01 21.08
N SER A 24 24.58 -25.16 20.98
CA SER A 24 25.16 -26.27 20.27
C SER A 24 25.27 -27.38 21.26
N VAL A 25 24.56 -28.45 20.99
CA VAL A 25 24.50 -29.58 21.90
C VAL A 25 25.84 -30.31 21.90
N THR A 26 26.56 -30.19 20.79
CA THR A 26 27.83 -30.83 20.62
C THR A 26 28.82 -30.18 21.53
N ILE A 27 28.87 -28.86 21.44
CA ILE A 27 29.63 -28.09 22.41
C ILE A 27 29.21 -28.35 23.87
N LYS A 28 27.92 -28.33 24.17
CA LYS A 28 27.48 -28.55 25.55
C LYS A 28 28.04 -29.88 26.05
N THR A 29 28.06 -30.89 25.18
CA THR A 29 28.58 -32.18 25.57
C THR A 29 30.08 -32.14 25.75
N MET A 30 30.80 -31.48 24.87
CA MET A 30 32.24 -31.46 25.06
C MET A 30 32.65 -30.75 26.35
N LEU A 31 31.98 -29.65 26.67
CA LEU A 31 32.26 -28.89 27.90
C LEU A 31 31.91 -29.61 29.22
N GLU A 32 30.72 -30.15 29.33
CA GLU A 32 30.24 -30.79 30.52
C GLU A 32 30.69 -32.22 30.65
N ASP A 33 30.46 -33.03 29.65
CA ASP A 33 30.73 -34.45 29.77
C ASP A 33 32.20 -34.78 29.61
N LEU A 34 32.88 -34.07 28.74
CA LEU A 34 34.30 -34.34 28.47
C LEU A 34 35.24 -33.29 29.08
N GLY A 35 34.70 -32.23 29.64
CA GLY A 35 35.51 -31.37 30.47
C GLY A 35 36.48 -30.52 29.70
N MET A 36 36.22 -30.32 28.41
CA MET A 36 37.17 -29.61 27.57
C MET A 36 37.11 -28.08 27.75
N ASP A 37 38.28 -27.46 27.88
CA ASP A 37 38.41 -26.02 27.69
C ASP A 37 39.84 -25.73 27.29
N PRO A 38 40.03 -25.30 26.04
CA PRO A 38 39.01 -24.92 25.07
C PRO A 38 38.39 -26.10 24.33
N VAL A 39 37.30 -25.84 23.63
CA VAL A 39 36.61 -26.87 22.88
C VAL A 39 37.15 -26.88 21.44
N PRO A 40 37.94 -27.89 21.12
CA PRO A 40 38.46 -27.89 19.77
C PRO A 40 37.38 -28.22 18.79
N LEU A 41 37.20 -27.38 17.77
CA LEU A 41 36.21 -27.67 16.74
C LEU A 41 36.89 -27.96 15.43
N PRO A 42 37.23 -29.23 15.21
CA PRO A 42 38.09 -29.50 14.09
C PRO A 42 37.50 -29.17 12.72
N ASN A 43 36.17 -29.15 12.58
CA ASN A 43 35.57 -29.00 11.26
C ASN A 43 34.97 -27.66 10.98
N VAL A 44 35.24 -26.68 11.83
CA VAL A 44 34.63 -25.40 11.67
C VAL A 44 35.69 -24.35 11.75
N ASN A 45 35.78 -23.52 10.73
CA ASN A 45 36.80 -22.56 10.66
C ASN A 45 36.31 -21.27 11.29
N ALA A 46 37.22 -20.32 11.45
CA ALA A 46 36.91 -19.12 12.17
C ALA A 46 35.83 -18.29 11.52
N ALA A 47 35.91 -18.08 10.23
CA ALA A 47 34.91 -17.27 9.54
C ALA A 47 33.48 -17.78 9.78
N ILE A 48 33.30 -19.08 9.70
CA ILE A 48 32.00 -19.70 9.85
C ILE A 48 31.57 -19.74 11.30
N LEU A 49 32.50 -20.09 12.18
CA LEU A 49 32.25 -19.97 13.60
C LEU A 49 31.86 -18.54 14.05
N LYS A 50 32.41 -17.48 13.47
CA LYS A 50 31.92 -16.13 13.83
C LYS A 50 30.45 -16.06 13.50
N LYS A 51 30.08 -16.49 12.31
CA LYS A 51 28.69 -16.36 11.87
C LYS A 51 27.77 -17.19 12.76
N VAL A 52 28.12 -18.44 13.00
CA VAL A 52 27.41 -19.30 13.97
C VAL A 52 27.21 -18.67 15.38
N ILE A 53 28.22 -17.98 15.88
CA ILE A 53 28.09 -17.34 17.19
C ILE A 53 27.17 -16.13 17.11
N GLN A 54 27.31 -15.36 16.03
CA GLN A 54 26.42 -14.26 15.77
C GLN A 54 24.98 -14.79 15.75
N TRP A 55 24.75 -15.88 15.04
CA TRP A 55 23.43 -16.44 14.98
C TRP A 55 22.97 -16.78 16.40
N CYS A 56 23.76 -17.58 17.10
CA CYS A 56 23.41 -18.06 18.43
C CYS A 56 23.19 -16.93 19.42
N THR A 57 23.96 -15.87 19.28
CA THR A 57 23.76 -14.71 20.09
C THR A 57 22.38 -14.11 19.82
N HIS A 58 22.05 -13.84 18.56
CA HIS A 58 20.73 -13.27 18.25
C HIS A 58 19.58 -14.11 18.79
N HIS A 59 19.70 -15.42 18.72
CA HIS A 59 18.63 -16.32 19.10
C HIS A 59 18.76 -16.83 20.54
N LYS A 60 19.60 -16.20 21.37
CA LYS A 60 19.83 -16.68 22.76
C LYS A 60 18.54 -16.78 23.56
N ASP A 61 17.67 -15.77 23.44
CA ASP A 61 16.36 -15.76 24.09
C ASP A 61 15.33 -16.12 23.04
N ASP A 62 14.65 -17.25 23.21
CA ASP A 62 13.85 -17.84 22.15
C ASP A 62 12.90 -18.93 22.65
N PRO A 63 11.60 -18.79 22.36
CA PRO A 63 10.68 -19.91 22.47
C PRO A 63 11.18 -21.14 21.70
N GLY A 67 10.21 -22.75 17.19
CA GLY A 67 10.04 -21.71 16.17
C GLY A 67 9.03 -22.07 15.09
N THR A 68 8.67 -21.08 14.28
CA THR A 68 7.70 -21.25 13.17
C THR A 68 8.29 -22.05 12.01
N ASP A 69 7.66 -21.99 10.84
CA ASP A 69 8.21 -22.59 9.61
C ASP A 69 8.45 -21.55 8.50
N ASP A 70 8.30 -20.29 8.85
CA ASP A 70 8.54 -19.20 7.92
C ASP A 70 9.79 -18.46 8.43
N ILE A 71 10.66 -18.06 7.51
CA ILE A 71 12.00 -17.56 7.88
C ILE A 71 12.00 -16.10 8.35
N PRO A 72 12.32 -15.89 9.62
CA PRO A 72 12.33 -14.53 10.13
C PRO A 72 13.26 -13.61 9.34
N VAL A 73 12.86 -12.37 9.17
CA VAL A 73 13.59 -11.40 8.39
C VAL A 73 15.05 -11.34 8.82
N TRP A 74 15.29 -11.31 10.12
CA TRP A 74 16.67 -11.21 10.59
C TRP A 74 17.52 -12.33 10.00
N ASP A 75 17.01 -13.56 10.04
CA ASP A 75 17.72 -14.73 9.51
C ASP A 75 17.88 -14.66 7.99
N GLN A 76 16.87 -14.15 7.30
CA GLN A 76 16.98 -14.02 5.87
C GLN A 76 18.20 -13.17 5.56
N GLU A 77 18.37 -12.11 6.34
CA GLU A 77 19.42 -11.15 6.12
C GLU A 77 20.79 -11.73 6.47
N PHE A 78 20.87 -12.40 7.62
CA PHE A 78 22.04 -13.16 8.01
C PHE A 78 22.48 -14.13 6.91
N LEU A 79 21.53 -14.75 6.23
CA LEU A 79 21.81 -15.71 5.16
C LEU A 79 21.96 -15.10 3.78
N LYS A 80 22.03 -13.78 3.68
CA LYS A 80 22.36 -13.15 2.41
C LYS A 80 23.86 -13.30 2.24
N VAL A 81 24.27 -14.52 1.92
CA VAL A 81 25.69 -14.87 1.77
C VAL A 81 25.84 -15.75 0.53
N ASP A 82 27.07 -16.06 0.17
CA ASP A 82 27.28 -16.88 -1.01
C ASP A 82 27.03 -18.34 -0.68
N GLN A 83 26.67 -19.10 -1.71
CA GLN A 83 26.26 -20.50 -1.56
C GLN A 83 27.20 -21.29 -0.71
N GLY A 84 28.49 -21.13 -0.97
CA GLY A 84 29.52 -21.93 -0.28
C GLY A 84 29.35 -21.73 1.20
N THR A 85 29.32 -20.46 1.59
CA THR A 85 29.11 -20.12 2.98
C THR A 85 27.85 -20.73 3.51
N LEU A 86 26.77 -20.59 2.76
CA LEU A 86 25.52 -21.20 3.18
C LEU A 86 25.71 -22.70 3.43
N PHE A 87 26.43 -23.41 2.59
CA PHE A 87 26.56 -24.86 2.85
C PHE A 87 27.52 -25.15 3.99
N GLU A 88 28.44 -24.23 4.22
CA GLU A 88 29.33 -24.36 5.34
C GLU A 88 28.51 -24.24 6.61
N LEU A 89 27.56 -23.31 6.61
CA LEU A 89 26.69 -23.17 7.79
C LEU A 89 25.89 -24.42 8.00
N ILE A 90 25.36 -24.98 6.92
CA ILE A 90 24.58 -26.20 7.07
C ILE A 90 25.39 -27.29 7.74
N LEU A 91 26.63 -27.47 7.27
CA LEU A 91 27.51 -28.50 7.82
C LEU A 91 27.90 -28.18 9.25
N ALA A 92 28.23 -26.93 9.50
CA ALA A 92 28.56 -26.50 10.86
C ALA A 92 27.39 -26.75 11.79
N ALA A 93 26.20 -26.31 11.39
CA ALA A 93 25.04 -26.48 12.24
C ALA A 93 24.76 -27.94 12.49
N ASN A 94 24.99 -28.77 11.48
CA ASN A 94 24.80 -30.21 11.63
C ASN A 94 25.82 -30.82 12.58
N TYR A 95 27.08 -30.42 12.49
CA TYR A 95 28.10 -30.99 13.34
C TYR A 95 27.92 -30.51 14.77
N LEU A 96 27.69 -29.21 14.92
CA LEU A 96 27.48 -28.61 16.22
C LEU A 96 26.12 -28.93 16.81
N ASP A 97 25.21 -29.43 15.98
CA ASP A 97 23.89 -29.83 16.43
C ASP A 97 23.11 -28.63 16.93
N ILE A 98 22.96 -27.61 16.08
CA ILE A 98 22.14 -26.45 16.41
C ILE A 98 20.86 -26.46 15.56
N LYS A 99 19.81 -27.05 16.10
CA LYS A 99 18.62 -27.34 15.33
C LYS A 99 18.10 -26.12 14.58
N GLY A 100 18.02 -24.99 15.26
CA GLY A 100 17.44 -23.83 14.66
C GLY A 100 18.20 -23.29 13.46
N LEU A 101 19.51 -23.46 13.47
CA LEU A 101 20.34 -22.97 12.38
C LEU A 101 20.28 -23.95 11.23
N LEU A 102 20.25 -25.22 11.55
CA LEU A 102 20.09 -26.23 10.54
C LEU A 102 18.79 -26.04 9.78
N ASP A 103 17.69 -25.75 10.47
CA ASP A 103 16.37 -25.67 9.81
C ASP A 103 16.33 -24.52 8.90
N VAL A 104 16.75 -23.40 9.43
CA VAL A 104 16.65 -22.16 8.69
C VAL A 104 17.57 -22.17 7.45
N THR A 105 18.74 -22.80 7.55
CA THR A 105 19.68 -22.89 6.41
C THR A 105 19.21 -23.91 5.36
N CYS A 106 18.67 -25.04 5.82
CA CYS A 106 18.02 -25.97 4.90
C CYS A 106 16.74 -25.44 4.23
N LYS A 107 15.90 -24.69 4.92
CA LYS A 107 14.70 -24.15 4.26
C LYS A 107 15.13 -23.22 3.15
N THR A 108 16.23 -22.52 3.41
CA THR A 108 16.73 -21.53 2.48
C THR A 108 17.12 -22.20 1.18
N VAL A 109 17.80 -23.35 1.30
CA VAL A 109 18.18 -24.15 0.14
C VAL A 109 16.93 -24.68 -0.55
N ALA A 110 16.02 -25.27 0.21
CA ALA A 110 14.77 -25.74 -0.37
C ALA A 110 14.02 -24.65 -1.14
N ASN A 111 14.06 -23.42 -0.68
CA ASN A 111 13.41 -22.35 -1.41
C ASN A 111 14.12 -22.06 -2.72
N MET A 112 15.43 -22.25 -2.74
CA MET A 112 16.22 -22.10 -3.96
C MET A 112 15.92 -23.22 -5.01
N ILE A 113 15.23 -24.28 -4.62
CA ILE A 113 14.89 -25.39 -5.52
C ILE A 113 13.43 -25.31 -5.95
N LYS A 114 12.59 -24.89 -5.02
CA LYS A 114 11.16 -24.83 -5.22
C LYS A 114 10.80 -24.32 -6.61
N GLY A 115 10.01 -25.09 -7.34
CA GLY A 115 9.55 -24.68 -8.67
C GLY A 115 10.49 -24.81 -9.86
N LYS A 116 11.77 -25.09 -9.66
CA LYS A 116 12.72 -25.11 -10.77
C LYS A 116 12.75 -26.38 -11.61
N THR A 117 13.18 -26.21 -12.84
CA THR A 117 13.36 -27.31 -13.75
C THR A 117 14.70 -27.98 -13.48
N PRO A 118 14.87 -29.19 -14.00
CA PRO A 118 16.17 -29.82 -13.82
C PRO A 118 17.34 -28.93 -14.23
N GLU A 119 17.22 -28.23 -15.34
CA GLU A 119 18.31 -27.39 -15.82
C GLU A 119 18.49 -26.19 -14.87
N GLU A 120 17.38 -25.61 -14.42
CA GLU A 120 17.50 -24.44 -13.56
C GLU A 120 18.22 -24.83 -12.25
N ILE A 121 17.92 -26.01 -11.72
CA ILE A 121 18.60 -26.50 -10.52
C ILE A 121 20.12 -26.70 -10.77
N ARG A 122 20.47 -27.30 -11.89
CA ARG A 122 21.88 -27.44 -12.25
C ARG A 122 22.64 -26.11 -12.32
N LYS A 123 22.07 -25.14 -13.04
CA LYS A 123 22.73 -23.83 -13.15
C LYS A 123 22.88 -23.20 -11.78
N THR A 124 21.85 -23.35 -10.95
CA THR A 124 21.81 -22.69 -9.66
C THR A 124 22.93 -23.22 -8.78
N PHE A 125 23.05 -24.53 -8.70
CA PHE A 125 24.02 -25.18 -7.81
C PHE A 125 25.25 -25.75 -8.49
N ASN A 126 25.50 -25.37 -9.74
CA ASN A 126 26.62 -25.89 -10.55
C ASN A 126 26.81 -27.39 -10.46
N ILE A 127 25.75 -28.10 -10.80
CA ILE A 127 25.81 -29.55 -10.86
C ILE A 127 25.88 -30.00 -12.31
N LYS A 128 26.81 -30.91 -12.59
CA LYS A 128 26.97 -31.46 -13.93
C LYS A 128 25.92 -32.54 -14.20
N ASN A 129 25.39 -32.52 -15.42
CA ASN A 129 24.59 -33.62 -15.95
C ASN A 129 25.50 -34.81 -16.17
N ASP A 130 25.49 -35.75 -15.21
CA ASP A 130 26.32 -36.95 -15.26
C ASP A 130 25.58 -38.24 -15.72
N PHE A 131 24.41 -38.06 -16.35
CA PHE A 131 23.62 -39.17 -16.84
C PHE A 131 24.20 -39.61 -18.16
N THR A 132 24.20 -40.91 -18.40
CA THR A 132 24.35 -41.39 -19.77
C THR A 132 23.05 -41.15 -20.55
N GLU A 133 23.17 -41.14 -21.86
CA GLU A 133 22.03 -40.92 -22.75
C GLU A 133 20.86 -41.84 -22.42
N GLU A 134 21.17 -43.10 -22.12
CA GLU A 134 20.11 -44.05 -21.79
C GLU A 134 19.57 -43.78 -20.39
N GLU A 135 20.46 -43.56 -19.44
CA GLU A 135 20.03 -43.18 -18.08
C GLU A 135 19.10 -41.97 -18.14
N GLU A 136 19.44 -40.99 -18.96
CA GLU A 136 18.66 -39.77 -18.99
C GLU A 136 17.28 -40.05 -19.48
N ALA A 137 17.17 -40.80 -20.56
CA ALA A 137 15.88 -41.15 -21.10
C ALA A 137 15.06 -41.86 -20.03
N GLN A 138 15.73 -42.73 -19.29
CA GLN A 138 15.08 -43.51 -18.26
C GLN A 138 14.53 -42.61 -17.11
N VAL A 139 15.30 -41.63 -16.62
CA VAL A 139 14.74 -40.75 -15.59
C VAL A 139 13.55 -39.94 -16.05
N ARG A 140 13.59 -39.45 -17.31
CA ARG A 140 12.49 -38.66 -17.87
C ARG A 140 11.25 -39.49 -17.77
N LYS A 141 11.33 -40.74 -18.24
CA LYS A 141 10.16 -41.62 -18.27
C LYS A 141 9.65 -41.83 -16.83
N GLU A 142 10.50 -42.33 -15.97
CA GLU A 142 10.21 -42.49 -14.54
C GLU A 142 9.52 -41.28 -13.91
N ASN A 143 9.60 -40.10 -14.53
CA ASN A 143 9.05 -38.89 -13.88
C ASN A 143 8.06 -38.05 -14.69
N GLN A 144 7.58 -38.59 -15.81
CA GLN A 144 6.51 -37.97 -16.61
C GLN A 144 5.23 -37.79 -15.83
N TRP A 145 4.94 -38.68 -14.89
CA TRP A 145 3.73 -38.54 -14.09
C TRP A 145 3.59 -37.12 -13.53
N CYS A 146 4.69 -36.40 -13.34
CA CYS A 146 4.57 -35.07 -12.73
C CYS A 146 3.88 -34.07 -13.63
N GLU A 147 3.94 -34.24 -14.94
CA GLU A 147 3.17 -33.31 -15.81
C GLU A 147 1.70 -33.70 -16.11
N GLU A 148 1.21 -34.75 -15.46
CA GLU A 148 -0.17 -35.15 -15.57
C GLU A 148 -1.09 -34.06 -15.05
N LYS A 149 -1.80 -33.40 -15.98
CA LYS A 149 -2.58 -32.21 -15.67
C LYS A 149 -3.99 -32.57 -15.21
N SER B 12 32.67 -20.42 1.12
CA SER B 12 33.79 -20.69 0.17
C SER B 12 33.65 -22.10 -0.39
N GLY B 13 33.59 -22.21 -1.73
CA GLY B 13 33.71 -23.47 -2.47
C GLY B 13 32.56 -24.46 -2.44
N ARG B 14 32.11 -24.83 -1.25
CA ARG B 14 31.18 -25.96 -1.09
C ARG B 14 29.97 -25.95 -1.99
N SER B 15 29.57 -27.16 -2.38
CA SER B 15 28.38 -27.34 -3.19
C SER B 15 27.35 -28.21 -2.51
N LEU B 16 26.13 -28.07 -2.96
CA LEU B 16 25.02 -28.91 -2.56
C LEU B 16 25.39 -30.38 -2.62
N LEU B 17 26.12 -30.72 -3.66
CA LEU B 17 26.40 -32.10 -4.00
C LEU B 17 27.35 -32.76 -2.99
N GLU B 18 28.06 -31.97 -2.23
CA GLU B 18 28.90 -32.47 -1.17
C GLU B 18 28.20 -32.71 0.16
N LEU B 19 26.91 -32.38 0.28
CA LEU B 19 26.30 -32.61 1.59
C LEU B 19 26.10 -34.12 1.78
N PRO B 20 26.21 -34.57 3.01
CA PRO B 20 25.96 -35.98 3.22
C PRO B 20 24.52 -36.31 2.89
N PRO B 21 24.26 -37.55 2.50
CA PRO B 21 22.94 -38.05 2.16
C PRO B 21 21.80 -37.72 3.15
N GLU B 22 22.05 -37.98 4.42
CA GLU B 22 21.04 -37.77 5.47
C GLU B 22 20.49 -36.34 5.38
N LEU B 23 21.41 -35.42 5.15
CA LEU B 23 21.11 -34.01 5.05
C LEU B 23 20.37 -33.67 3.77
N LEU B 24 20.77 -34.26 2.66
CA LEU B 24 20.02 -34.13 1.41
C LEU B 24 18.59 -34.67 1.55
N VAL B 25 18.48 -35.84 2.16
CA VAL B 25 17.16 -36.40 2.43
C VAL B 25 16.32 -35.45 3.28
N GLU B 26 16.92 -34.76 4.25
CA GLU B 26 16.13 -33.88 5.11
C GLU B 26 15.63 -32.71 4.25
N ILE B 27 16.51 -32.13 3.43
CA ILE B 27 16.13 -31.01 2.59
C ILE B 27 15.06 -31.40 1.56
N PHE B 28 15.27 -32.53 0.89
CA PHE B 28 14.34 -32.95 -0.15
C PHE B 28 13.01 -33.32 0.50
N ALA B 29 13.10 -33.95 1.67
CA ALA B 29 11.86 -34.33 2.39
C ALA B 29 11.02 -33.14 2.79
N SER B 30 11.62 -31.96 2.90
CA SER B 30 10.85 -30.75 3.19
C SER B 30 10.19 -30.09 1.99
N LEU B 31 10.41 -30.58 0.77
CA LEU B 31 9.86 -29.91 -0.41
C LEU B 31 8.55 -30.52 -0.81
N PRO B 32 7.71 -29.73 -1.48
CA PRO B 32 6.55 -30.30 -2.19
C PRO B 32 6.96 -31.51 -3.03
N GLY B 33 6.19 -32.56 -2.98
CA GLY B 33 6.47 -33.71 -3.81
C GLY B 33 6.54 -33.44 -5.30
N THR B 34 5.98 -32.32 -5.77
CA THR B 34 6.01 -32.00 -7.20
C THR B 34 7.35 -31.46 -7.64
N ASP B 35 8.20 -31.07 -6.70
CA ASP B 35 9.55 -30.62 -7.00
C ASP B 35 10.51 -31.82 -7.03
N LEU B 36 10.14 -32.93 -6.40
CA LEU B 36 11.03 -34.08 -6.36
C LEU B 36 11.40 -34.67 -7.73
N PRO B 37 10.46 -34.78 -8.66
CA PRO B 37 10.79 -35.29 -9.97
C PRO B 37 11.80 -34.43 -10.75
N SER B 38 11.80 -33.13 -10.57
CA SER B 38 12.82 -32.32 -11.24
C SER B 38 14.15 -32.66 -10.62
N LEU B 39 14.14 -32.81 -9.30
CA LEU B 39 15.36 -33.06 -8.56
C LEU B 39 15.96 -34.34 -9.04
N ALA B 40 15.11 -35.33 -9.24
CA ALA B 40 15.57 -36.66 -9.66
C ALA B 40 16.28 -36.68 -10.98
N GLN B 41 15.94 -35.71 -11.83
CA GLN B 41 16.51 -35.59 -13.18
C GLN B 41 17.72 -34.70 -13.21
N VAL B 42 18.11 -34.16 -12.06
CA VAL B 42 19.29 -33.30 -12.01
C VAL B 42 20.60 -34.09 -12.18
N CYS B 43 20.71 -35.28 -11.56
CA CYS B 43 21.94 -36.07 -11.58
C CYS B 43 21.75 -37.49 -10.98
N THR B 44 22.68 -38.37 -11.30
CA THR B 44 22.82 -39.71 -10.66
C THR B 44 22.42 -39.77 -9.20
N LYS B 45 23.05 -38.91 -8.40
CA LYS B 45 23.04 -39.01 -6.97
C LYS B 45 21.66 -38.65 -6.43
N PHE B 46 21.09 -37.57 -6.97
CA PHE B 46 19.75 -37.18 -6.58
C PHE B 46 18.74 -38.23 -6.96
N ARG B 47 18.90 -38.84 -8.14
CA ARG B 47 18.00 -39.89 -8.55
C ARG B 47 18.07 -41.02 -7.53
N ARG B 48 19.27 -41.38 -7.11
CA ARG B 48 19.45 -42.48 -6.17
C ARG B 48 18.84 -42.19 -4.77
N ILE B 49 19.10 -41.00 -4.28
CA ILE B 49 18.60 -40.57 -3.01
C ILE B 49 17.07 -40.51 -2.96
N LEU B 50 16.47 -40.03 -4.05
CA LEU B 50 15.01 -39.97 -4.16
C LEU B 50 14.29 -41.33 -4.19
N HIS B 51 15.00 -42.45 -4.27
N HIS B 51 15.04 -42.43 -4.29
CA HIS B 51 14.35 -43.73 -4.00
CA HIS B 51 14.48 -43.76 -4.03
C HIS B 51 13.85 -43.79 -2.57
C HIS B 51 14.19 -44.01 -2.55
N THR B 52 14.55 -43.09 -1.66
CA THR B 52 14.35 -43.29 -0.23
C THR B 52 12.90 -43.04 0.16
N ASP B 53 12.19 -44.10 0.53
CA ASP B 53 10.75 -44.00 0.76
C ASP B 53 10.31 -43.03 1.87
N THR B 54 11.16 -42.80 2.87
CA THR B 54 10.74 -41.90 3.94
C THR B 54 10.33 -40.59 3.35
N ILE B 55 11.09 -40.13 2.37
CA ILE B 55 10.81 -38.84 1.74
C ILE B 55 9.39 -38.82 1.20
N TRP B 56 8.98 -39.92 0.59
CA TRP B 56 7.69 -39.95 -0.08
C TRP B 56 6.60 -40.22 0.92
N ARG B 57 6.91 -40.98 1.97
CA ARG B 57 5.93 -41.24 3.02
C ARG B 57 5.52 -39.96 3.70
N ARG B 58 6.50 -39.06 3.85
CA ARG B 58 6.21 -37.72 4.39
C ARG B 58 5.40 -36.85 3.47
N ARG B 59 5.69 -36.93 2.17
CA ARG B 59 5.00 -36.15 1.20
C ARG B 59 3.53 -36.55 1.19
N CYS B 60 3.27 -37.86 1.34
CA CYS B 60 1.92 -38.36 1.38
C CYS B 60 1.18 -37.83 2.62
N ARG B 61 1.87 -37.83 3.78
CA ARG B 61 1.26 -37.37 5.06
C ARG B 61 0.89 -35.90 5.00
N GLU B 62 1.85 -35.05 4.68
CA GLU B 62 1.65 -33.61 4.75
C GLU B 62 0.75 -33.05 3.67
N GLU B 63 0.78 -33.61 2.47
CA GLU B 63 0.07 -33.01 1.35
C GLU B 63 -1.35 -33.57 1.16
N TYR B 64 -1.57 -34.82 1.56
CA TYR B 64 -2.84 -35.51 1.34
C TYR B 64 -3.39 -36.16 2.63
N GLY B 65 -2.77 -35.90 3.77
CA GLY B 65 -3.19 -36.46 5.05
C GLY B 65 -3.16 -37.96 5.24
N VAL B 66 -2.38 -38.69 4.43
CA VAL B 66 -2.39 -40.16 4.54
C VAL B 66 -1.09 -40.65 5.14
N CYS B 67 -1.21 -41.42 6.20
N CYS B 67 -1.22 -41.57 6.09
CA CYS B 67 -0.10 -42.17 6.75
CA CYS B 67 -0.07 -42.16 6.80
C CYS B 67 -0.28 -43.60 6.26
C CYS B 67 -0.03 -43.67 6.59
N GLU B 68 0.73 -44.13 5.60
CA GLU B 68 0.64 -45.50 5.13
C GLU B 68 1.26 -46.41 6.15
N ASN B 69 0.62 -47.54 6.39
CA ASN B 69 1.17 -48.58 7.24
C ASN B 69 2.37 -49.27 6.55
N LEU B 70 3.44 -49.40 7.29
CA LEU B 70 4.66 -50.00 6.78
C LEU B 70 4.49 -51.48 6.52
N ARG B 71 3.69 -52.13 7.35
CA ARG B 71 3.41 -53.55 7.18
C ARG B 71 2.50 -53.75 5.99
N LYS B 72 1.57 -52.85 5.77
CA LYS B 72 0.75 -52.95 4.61
C LYS B 72 1.63 -52.87 3.39
N LEU B 73 2.41 -51.81 3.34
CA LEU B 73 3.33 -51.61 2.23
C LEU B 73 4.18 -52.84 1.92
N GLU B 74 4.66 -53.54 2.95
CA GLU B 74 5.55 -54.67 2.76
C GLU B 74 4.78 -55.83 2.16
N ILE B 75 3.60 -56.08 2.69
CA ILE B 75 2.75 -57.16 2.19
C ILE B 75 2.35 -56.96 0.74
N THR B 76 1.93 -55.74 0.42
CA THR B 76 1.37 -55.44 -0.91
C THR B 76 2.45 -55.12 -1.90
N GLY B 77 3.67 -54.93 -1.44
CA GLY B 77 4.74 -54.55 -2.33
C GLY B 77 4.64 -53.18 -2.96
N VAL B 78 3.85 -52.30 -2.37
CA VAL B 78 3.70 -50.94 -2.89
C VAL B 78 4.43 -50.00 -1.97
N SER B 79 4.95 -48.93 -2.54
CA SER B 79 5.73 -47.94 -1.86
C SER B 79 5.02 -46.59 -1.84
N CYS B 80 5.48 -45.66 -0.99
CA CYS B 80 4.84 -44.35 -0.94
C CYS B 80 5.17 -43.52 -2.16
N ARG B 81 6.28 -43.84 -2.83
CA ARG B 81 6.58 -43.18 -4.07
C ARG B 81 5.49 -43.52 -5.09
N ASP B 82 5.17 -44.79 -5.17
CA ASP B 82 4.12 -45.29 -6.01
C ASP B 82 2.79 -44.61 -5.69
N VAL B 83 2.43 -44.62 -4.41
CA VAL B 83 1.21 -44.00 -3.96
C VAL B 83 1.15 -42.54 -4.42
N TYR B 84 2.19 -41.77 -4.17
CA TYR B 84 2.17 -40.34 -4.48
C TYR B 84 2.00 -40.14 -5.99
N ALA B 85 2.71 -40.92 -6.78
CA ALA B 85 2.80 -40.65 -8.21
C ALA B 85 1.57 -41.15 -8.91
N LYS B 86 1.15 -42.36 -8.55
CA LYS B 86 0.14 -43.09 -9.30
C LYS B 86 -1.29 -43.06 -8.74
N LEU B 87 -1.44 -42.74 -7.45
CA LEU B 87 -2.75 -42.57 -6.79
C LEU B 87 -3.00 -41.11 -6.49
N LEU B 88 -2.19 -40.54 -5.59
CA LEU B 88 -2.55 -39.26 -4.98
C LEU B 88 -2.43 -38.11 -5.98
N HIS B 89 -1.24 -37.83 -6.50
CA HIS B 89 -1.10 -36.88 -7.62
C HIS B 89 -1.98 -37.19 -8.84
N ARG B 90 -2.02 -38.45 -9.26
CA ARG B 90 -2.75 -38.80 -10.48
C ARG B 90 -4.22 -38.41 -10.41
N TYR B 91 -4.80 -38.52 -9.23
CA TYR B 91 -6.21 -38.37 -9.06
C TYR B 91 -6.50 -37.22 -8.15
N ARG B 92 -5.56 -36.31 -7.95
CA ARG B 92 -5.80 -35.27 -6.95
C ARG B 92 -7.07 -34.46 -7.21
N HIS B 93 -7.45 -34.29 -8.46
CA HIS B 93 -8.56 -33.38 -8.79
C HIS B 93 -9.96 -33.91 -8.47
N ILE B 94 -10.13 -35.20 -8.33
CA ILE B 94 -11.39 -35.73 -7.91
C ILE B 94 -11.54 -35.83 -6.41
N LEU B 95 -10.54 -35.41 -5.63
CA LEU B 95 -10.69 -35.51 -4.17
C LEU B 95 -11.59 -34.38 -3.66
N GLY B 96 -12.35 -34.65 -2.62
CA GLY B 96 -13.18 -33.60 -2.04
C GLY B 96 -14.65 -33.95 -1.93
N LEU B 97 -15.48 -32.92 -2.02
CA LEU B 97 -16.90 -33.03 -1.77
C LEU B 97 -17.67 -32.63 -3.05
N TRP B 98 -18.64 -33.46 -3.43
CA TRP B 98 -19.23 -33.37 -4.74
C TRP B 98 -20.75 -33.47 -4.71
N GLN B 99 -21.37 -32.90 -5.73
CA GLN B 99 -22.80 -33.05 -5.89
C GLN B 99 -23.06 -33.61 -7.26
N PRO B 100 -23.72 -34.76 -7.33
CA PRO B 100 -23.99 -35.39 -8.61
C PRO B 100 -25.10 -34.68 -9.29
N ASP B 101 -25.10 -34.72 -10.61
CA ASP B 101 -26.09 -34.08 -11.44
C ASP B 101 -27.15 -35.10 -11.74
N ILE B 102 -28.25 -35.06 -11.01
CA ILE B 102 -29.27 -36.08 -11.12
C ILE B 102 -30.63 -35.38 -11.20
N GLY B 103 -30.86 -34.76 -12.35
CA GLY B 103 -32.07 -33.93 -12.48
C GLY B 103 -32.20 -33.05 -11.26
N PRO B 104 -33.34 -33.06 -10.59
CA PRO B 104 -33.49 -32.16 -9.43
C PRO B 104 -33.07 -32.78 -8.11
N TYR B 105 -32.64 -34.02 -8.10
CA TYR B 105 -32.46 -34.70 -6.82
C TYR B 105 -31.15 -34.43 -6.12
N GLY B 106 -30.09 -34.12 -6.85
CA GLY B 106 -28.75 -34.03 -6.22
C GLY B 106 -28.26 -35.26 -5.42
N GLY B 107 -27.42 -34.99 -4.42
CA GLY B 107 -26.65 -36.03 -3.74
C GLY B 107 -25.40 -35.49 -3.06
N LEU B 108 -24.72 -36.35 -2.34
CA LEU B 108 -23.52 -35.97 -1.60
C LEU B 108 -22.48 -37.05 -1.75
N LEU B 109 -21.38 -36.73 -2.40
CA LEU B 109 -20.27 -37.69 -2.54
C LEU B 109 -19.03 -37.04 -1.96
N ASN B 110 -18.38 -37.74 -1.05
CA ASN B 110 -17.11 -37.31 -0.47
C ASN B 110 -16.06 -38.31 -0.95
N VAL B 111 -15.07 -37.80 -1.69
CA VAL B 111 -14.08 -38.65 -2.35
C VAL B 111 -12.82 -38.43 -1.60
N VAL B 112 -12.26 -39.54 -1.16
CA VAL B 112 -11.44 -39.57 0.02
C VAL B 112 -10.32 -40.61 -0.11
N VAL B 113 -9.20 -40.39 0.57
CA VAL B 113 -8.11 -41.37 0.55
C VAL B 113 -8.13 -42.30 1.75
N ASP B 114 -8.05 -43.59 1.48
CA ASP B 114 -7.93 -44.54 2.53
C ASP B 114 -6.90 -45.62 2.17
N GLY B 115 -5.72 -45.49 2.75
CA GLY B 115 -4.63 -46.40 2.53
C GLY B 115 -4.10 -46.35 1.12
N LEU B 116 -4.32 -47.45 0.40
CA LEU B 116 -3.93 -47.61 -0.99
C LEU B 116 -5.16 -47.49 -1.88
N PHE B 117 -6.27 -47.02 -1.30
CA PHE B 117 -7.50 -46.74 -2.03
C PHE B 117 -7.84 -45.24 -2.09
N ILE B 118 -8.56 -44.88 -3.14
CA ILE B 118 -9.34 -43.67 -3.13
C ILE B 118 -10.77 -44.11 -3.21
N ILE B 119 -11.61 -43.59 -2.32
CA ILE B 119 -12.98 -44.07 -2.22
C ILE B 119 -13.93 -42.90 -2.41
N GLY B 120 -14.89 -43.13 -3.29
CA GLY B 120 -16.05 -42.23 -3.43
C GLY B 120 -17.21 -42.70 -2.54
N TRP B 121 -17.41 -42.01 -1.42
CA TRP B 121 -18.50 -42.35 -0.49
C TRP B 121 -19.79 -41.49 -0.74
N MET B 122 -20.89 -42.17 -1.06
N MET B 122 -20.89 -42.19 -1.02
CA MET B 122 -22.20 -41.51 -1.21
CA MET B 122 -22.20 -41.54 -1.19
C MET B 122 -22.81 -41.43 0.19
C MET B 122 -22.87 -41.44 0.17
N TYR B 123 -23.24 -40.23 0.59
CA TYR B 123 -23.92 -40.00 1.86
C TYR B 123 -25.41 -39.74 1.65
N LEU B 124 -26.23 -40.54 2.29
CA LEU B 124 -27.65 -40.46 2.13
C LEU B 124 -28.28 -40.14 3.46
N PRO B 125 -29.44 -39.47 3.44
CA PRO B 125 -30.11 -39.17 4.69
C PRO B 125 -30.74 -40.38 5.32
N PRO B 126 -31.04 -40.29 6.62
CA PRO B 126 -31.79 -41.34 7.29
C PRO B 126 -33.24 -41.40 6.84
N HIS B 127 -34.01 -42.30 7.42
CA HIS B 127 -35.35 -42.52 6.97
C HIS B 127 -36.17 -41.37 7.44
N ASP B 128 -37.11 -40.93 6.59
CA ASP B 128 -38.05 -39.91 7.02
C ASP B 128 -38.85 -40.49 8.17
N PRO B 129 -39.13 -39.69 9.21
CA PRO B 129 -38.75 -38.29 9.44
C PRO B 129 -37.60 -38.08 10.41
N HIS B 130 -36.76 -39.10 10.59
CA HIS B 130 -35.85 -39.15 11.74
C HIS B 130 -34.59 -38.34 11.49
N VAL B 131 -34.81 -37.06 11.46
CA VAL B 131 -33.80 -36.13 11.07
C VAL B 131 -32.57 -36.20 11.99
N ASP B 132 -32.71 -36.70 13.22
CA ASP B 132 -31.57 -36.79 14.19
C ASP B 132 -30.68 -38.01 14.00
N ASP B 133 -31.22 -39.09 13.41
CA ASP B 133 -30.43 -40.29 13.07
C ASP B 133 -29.23 -39.99 12.14
N PRO B 134 -28.15 -40.75 12.25
CA PRO B 134 -26.97 -40.43 11.41
C PRO B 134 -27.19 -40.65 9.92
N MET B 135 -26.47 -39.89 9.10
CA MET B 135 -26.41 -40.20 7.68
C MET B 135 -25.99 -41.66 7.43
N ARG B 136 -26.64 -42.29 6.46
CA ARG B 136 -26.20 -43.55 5.85
C ARG B 136 -25.13 -43.29 4.77
N PHE B 137 -24.31 -44.30 4.48
CA PHE B 137 -23.18 -44.11 3.55
C PHE B 137 -22.70 -45.41 2.93
N LYS B 138 -22.89 -45.55 1.63
CA LYS B 138 -22.41 -46.71 0.90
C LYS B 138 -21.27 -46.17 0.02
N PRO B 139 -20.35 -47.05 -0.42
CA PRO B 139 -19.33 -46.59 -1.37
C PRO B 139 -19.85 -46.73 -2.79
N LEU B 140 -19.49 -45.81 -3.66
CA LEU B 140 -19.92 -45.87 -5.04
C LEU B 140 -18.87 -46.36 -6.00
N PHE B 141 -17.64 -45.89 -5.81
CA PHE B 141 -16.50 -46.36 -6.59
C PHE B 141 -15.24 -46.35 -5.74
N ARG B 142 -14.26 -47.12 -6.15
CA ARG B 142 -12.96 -47.01 -5.56
C ARG B 142 -11.87 -47.10 -6.61
N ILE B 143 -10.72 -46.60 -6.21
CA ILE B 143 -9.53 -46.63 -7.01
C ILE B 143 -8.44 -47.28 -6.19
N HIS B 144 -7.89 -48.37 -6.69
CA HIS B 144 -6.99 -49.24 -5.95
C HIS B 144 -5.62 -49.32 -6.64
N LEU B 145 -4.56 -49.03 -5.90
CA LEU B 145 -3.17 -49.23 -6.34
C LEU B 145 -2.63 -50.59 -5.86
N MET B 146 -2.11 -51.39 -6.78
CA MET B 146 -1.41 -52.64 -6.45
C MET B 146 0.03 -52.60 -6.96
N GLU B 147 0.87 -53.54 -6.55
CA GLU B 147 2.27 -53.44 -6.97
C GLU B 147 2.48 -53.50 -8.49
N ARG B 148 3.41 -52.69 -8.97
CA ARG B 148 3.87 -52.76 -10.35
C ARG B 148 2.82 -52.47 -11.44
N LYS B 149 1.65 -51.95 -11.09
CA LYS B 149 0.68 -51.55 -12.13
C LYS B 149 0.05 -50.17 -11.89
N ALA B 150 -0.66 -49.67 -12.88
CA ALA B 150 -1.48 -48.48 -12.66
C ALA B 150 -2.66 -48.83 -11.75
N ALA B 151 -3.13 -47.84 -10.98
CA ALA B 151 -4.31 -48.05 -10.14
C ALA B 151 -5.52 -48.35 -11.01
N THR B 152 -6.32 -49.29 -10.54
CA THR B 152 -7.55 -49.69 -11.15
C THR B 152 -8.71 -48.88 -10.60
N VAL B 153 -9.76 -48.78 -11.41
CA VAL B 153 -10.96 -48.06 -11.10
C VAL B 153 -12.10 -49.04 -11.10
N GLU B 154 -12.75 -49.19 -9.95
CA GLU B 154 -13.85 -50.14 -9.86
C GLU B 154 -15.15 -49.45 -9.44
N CYS B 155 -16.26 -49.84 -10.06
CA CYS B 155 -17.59 -49.38 -9.60
C CYS B 155 -18.03 -50.30 -8.47
N MET B 156 -18.53 -49.72 -7.38
CA MET B 156 -18.97 -50.46 -6.18
C MET B 156 -20.49 -50.54 -6.02
N TYR B 157 -21.20 -50.12 -7.04
CA TYR B 157 -22.62 -50.06 -6.95
C TYR B 157 -23.12 -51.45 -7.22
N GLY B 158 -24.17 -51.83 -6.52
CA GLY B 158 -24.85 -53.08 -6.76
C GLY B 158 -24.73 -53.93 -5.52
N HIS B 159 -25.15 -55.17 -5.60
CA HIS B 159 -24.99 -56.06 -4.46
C HIS B 159 -24.04 -57.20 -4.75
N LYS B 160 -23.43 -57.19 -5.95
CA LYS B 160 -22.66 -58.32 -6.46
C LYS B 160 -21.16 -58.01 -6.51
N GLY B 161 -20.71 -57.10 -5.64
CA GLY B 161 -19.29 -56.82 -5.45
C GLY B 161 -18.63 -55.86 -6.43
N PRO B 162 -17.37 -55.47 -6.12
CA PRO B 162 -16.53 -54.61 -6.97
C PRO B 162 -16.35 -55.14 -8.39
N HIS B 163 -16.36 -54.25 -9.38
CA HIS B 163 -16.23 -54.58 -10.81
C HIS B 163 -15.76 -53.38 -11.62
N HIS B 164 -15.60 -53.55 -12.93
CA HIS B 164 -14.82 -52.58 -13.67
C HIS B 164 -15.58 -51.27 -13.89
N GLY B 165 -14.90 -50.16 -13.62
CA GLY B 165 -15.39 -48.83 -13.94
C GLY B 165 -14.35 -47.92 -14.59
N HIS B 166 -14.78 -46.71 -14.93
N HIS B 166 -14.80 -46.72 -14.96
CA HIS B 166 -13.97 -45.70 -15.60
CA HIS B 166 -13.95 -45.71 -15.56
C HIS B 166 -14.22 -44.39 -14.87
C HIS B 166 -14.21 -44.41 -14.84
N ILE B 167 -13.19 -43.56 -14.78
CA ILE B 167 -13.29 -42.20 -14.25
C ILE B 167 -12.77 -41.23 -15.33
N GLN B 168 -13.36 -40.05 -15.38
CA GLN B 168 -12.97 -39.09 -16.35
C GLN B 168 -12.96 -37.71 -15.71
N ILE B 169 -11.80 -37.08 -15.73
CA ILE B 169 -11.62 -35.77 -15.15
C ILE B 169 -11.71 -34.73 -16.26
N VAL B 170 -12.77 -33.95 -16.19
CA VAL B 170 -13.07 -33.00 -17.23
C VAL B 170 -12.37 -31.69 -16.89
N LYS B 171 -12.56 -31.22 -15.65
CA LYS B 171 -12.08 -29.90 -15.22
C LYS B 171 -11.48 -29.89 -13.79
N LYS B 172 -11.14 -28.70 -13.31
CA LYS B 172 -10.76 -28.54 -11.91
C LYS B 172 -11.90 -29.11 -11.07
N ASP B 173 -13.13 -28.74 -11.49
CA ASP B 173 -14.32 -28.86 -10.64
C ASP B 173 -15.44 -29.72 -11.16
N GLU B 174 -15.09 -30.74 -11.93
CA GLU B 174 -16.06 -31.68 -12.45
C GLU B 174 -15.41 -32.97 -12.90
N PHE B 175 -16.01 -34.10 -12.52
CA PHE B 175 -15.62 -35.39 -13.03
C PHE B 175 -16.80 -36.30 -13.19
N SER B 176 -16.56 -37.47 -13.78
CA SER B 176 -17.66 -38.39 -14.04
C SER B 176 -17.20 -39.83 -13.99
N THR B 177 -18.16 -40.73 -13.79
CA THR B 177 -17.92 -42.15 -13.58
C THR B 177 -18.75 -42.89 -14.57
N LYS B 178 -18.19 -43.94 -15.17
CA LYS B 178 -18.93 -44.88 -15.99
C LYS B 178 -18.79 -46.25 -15.35
N CYS B 179 -19.85 -47.04 -15.38
CA CYS B 179 -19.75 -48.45 -14.97
C CYS B 179 -19.86 -49.28 -16.21
N ASN B 180 -19.07 -50.34 -16.29
CA ASN B 180 -18.87 -51.06 -17.55
C ASN B 180 -19.41 -52.46 -17.55
N GLN B 181 -19.99 -52.85 -16.41
CA GLN B 181 -20.52 -54.17 -16.28
C GLN B 181 -21.75 -54.03 -15.42
N THR B 182 -22.78 -53.38 -15.97
CA THR B 182 -23.96 -53.06 -15.17
C THR B 182 -24.72 -54.27 -14.69
N ASP B 183 -24.52 -55.39 -15.39
CA ASP B 183 -25.02 -56.69 -14.95
C ASP B 183 -24.89 -56.85 -13.42
N HIS B 184 -23.93 -56.19 -12.81
CA HIS B 184 -23.77 -56.29 -11.36
C HIS B 184 -24.81 -55.56 -10.53
N HIS B 185 -25.45 -54.54 -11.12
CA HIS B 185 -26.48 -53.79 -10.39
C HIS B 185 -27.80 -54.53 -10.35
N ARG B 186 -27.94 -55.51 -11.25
CA ARG B 186 -29.15 -56.33 -11.31
C ARG B 186 -29.21 -57.32 -10.15
N MET B 187 -30.41 -57.88 -9.94
CA MET B 187 -30.70 -58.81 -8.85
C MET B 187 -31.61 -59.99 -9.29
N SER B 188 -31.44 -61.13 -8.62
CA SER B 188 -32.09 -62.34 -9.04
C SER B 188 -33.62 -62.23 -9.03
N GLY B 189 -34.15 -61.43 -8.10
N GLY B 189 -34.18 -61.47 -8.09
CA GLY B 189 -35.58 -61.16 -8.00
CA GLY B 189 -35.62 -61.25 -8.04
C GLY B 189 -36.01 -59.90 -8.75
C GLY B 189 -36.09 -60.44 -9.23
N GLY B 190 -35.19 -59.47 -9.70
N GLY B 190 -35.34 -59.39 -9.56
CA GLY B 190 -35.60 -58.49 -10.71
CA GLY B 190 -35.65 -58.51 -10.68
C GLY B 190 -35.70 -57.05 -10.26
C GLY B 190 -35.69 -57.05 -10.27
N ARG B 191 -36.19 -56.19 -11.15
CA ARG B 191 -36.30 -54.77 -10.87
C ARG B 191 -37.18 -54.49 -9.66
N GLN B 192 -38.21 -55.29 -9.48
CA GLN B 192 -39.05 -55.15 -8.29
C GLN B 192 -38.21 -55.29 -7.02
N GLU B 193 -37.32 -56.27 -6.98
CA GLU B 193 -36.53 -56.47 -5.77
C GLU B 193 -35.54 -55.32 -5.66
N GLU B 194 -34.95 -54.89 -6.78
CA GLU B 194 -34.14 -53.65 -6.78
C GLU B 194 -34.92 -52.53 -6.09
N PHE B 195 -36.17 -52.35 -6.50
CA PHE B 195 -37.01 -51.36 -5.90
C PHE B 195 -37.29 -51.63 -4.41
N ARG B 196 -37.73 -52.85 -4.07
CA ARG B 196 -38.02 -53.21 -2.66
C ARG B 196 -36.78 -53.01 -1.77
N THR B 197 -35.63 -53.41 -2.27
CA THR B 197 -34.37 -53.18 -1.59
C THR B 197 -34.09 -51.69 -1.36
N TRP B 198 -34.12 -50.92 -2.44
CA TRP B 198 -33.92 -49.46 -2.37
C TRP B 198 -34.93 -48.80 -1.45
N LEU B 199 -36.16 -49.29 -1.46
CA LEU B 199 -37.21 -48.75 -0.61
C LEU B 199 -36.86 -48.98 0.86
N ARG B 200 -36.33 -50.18 1.17
CA ARG B 200 -35.97 -50.51 2.55
C ARG B 200 -34.84 -49.61 3.06
N GLU B 201 -33.81 -49.42 2.24
CA GLU B 201 -32.69 -48.55 2.62
C GLU B 201 -33.08 -47.06 2.73
N GLU B 202 -33.86 -46.56 1.77
CA GLU B 202 -34.15 -45.11 1.75
C GLU B 202 -35.27 -44.79 2.69
N TRP B 203 -36.22 -45.71 2.87
CA TRP B 203 -37.42 -45.44 3.66
C TRP B 203 -37.66 -46.31 4.90
N GLY B 204 -37.15 -47.54 4.92
CA GLY B 204 -37.46 -48.46 6.02
C GLY B 204 -38.94 -48.72 6.08
N ARG B 205 -39.52 -49.02 4.91
CA ARG B 205 -40.94 -49.23 4.78
C ARG B 205 -41.11 -50.18 3.59
N THR B 206 -42.35 -50.62 3.38
CA THR B 206 -42.68 -51.57 2.31
C THR B 206 -43.57 -50.85 1.29
N LEU B 207 -43.93 -51.57 0.22
CA LEU B 207 -44.88 -51.04 -0.78
C LEU B 207 -46.25 -50.71 -0.15
N GLU B 208 -46.59 -51.38 0.95
CA GLU B 208 -47.85 -51.18 1.67
C GLU B 208 -47.93 -49.81 2.37
N ASP B 209 -46.92 -49.51 3.20
CA ASP B 209 -46.91 -48.27 3.98
C ASP B 209 -46.78 -47.02 3.09
N ILE B 210 -46.38 -47.22 1.84
CA ILE B 210 -46.25 -46.11 0.88
C ILE B 210 -47.44 -46.01 -0.07
N PHE B 211 -48.00 -47.15 -0.50
CA PHE B 211 -49.25 -47.16 -1.27
C PHE B 211 -50.32 -46.51 -0.38
N HIS B 212 -50.23 -45.16 -0.35
CA HIS B 212 -51.14 -44.18 0.28
C HIS B 212 -50.41 -42.80 0.53
N GLU B 213 -49.95 -42.12 -0.52
CA GLU B 213 -50.30 -42.38 -1.93
C GLU B 213 -49.51 -41.42 -2.81
N HIS B 214 -49.64 -40.14 -2.50
CA HIS B 214 -48.93 -39.13 -3.26
C HIS B 214 -47.41 -39.26 -3.11
N MET B 215 -46.96 -39.72 -1.93
CA MET B 215 -45.56 -40.17 -1.72
C MET B 215 -45.21 -41.50 -2.41
N GLN B 216 -46.11 -42.51 -2.45
CA GLN B 216 -45.89 -43.68 -3.34
C GLN B 216 -45.45 -43.22 -4.75
N GLU B 217 -46.16 -42.27 -5.32
CA GLU B 217 -45.84 -41.82 -6.65
C GLU B 217 -44.49 -41.16 -6.71
N LEU B 218 -44.28 -40.14 -5.88
CA LEU B 218 -42.97 -39.46 -5.82
C LEU B 218 -41.76 -40.37 -5.55
N ILE B 219 -41.98 -41.41 -4.77
CA ILE B 219 -40.92 -42.28 -4.42
C ILE B 219 -40.56 -43.15 -5.61
N LEU B 220 -41.57 -43.67 -6.29
CA LEU B 220 -41.34 -44.43 -7.53
C LEU B 220 -40.61 -43.63 -8.62
N MET B 221 -41.05 -42.39 -8.83
CA MET B 221 -40.50 -41.57 -9.89
C MET B 221 -39.02 -41.37 -9.66
N LYS B 222 -38.70 -41.15 -8.40
CA LYS B 222 -37.35 -40.94 -7.96
C LYS B 222 -36.52 -42.20 -8.18
N PHE B 223 -37.11 -43.34 -7.88
CA PHE B 223 -36.34 -44.52 -8.01
C PHE B 223 -36.05 -44.71 -9.48
N ILE B 224 -37.10 -44.63 -10.27
CA ILE B 224 -36.97 -44.86 -11.70
C ILE B 224 -36.02 -43.84 -12.30
N TYR B 225 -36.17 -42.57 -11.94
CA TYR B 225 -35.37 -41.53 -12.54
C TYR B 225 -33.88 -41.71 -12.22
N THR B 226 -33.60 -41.86 -10.95
CA THR B 226 -32.22 -41.92 -10.48
C THR B 226 -31.61 -43.20 -10.97
N SER B 227 -32.35 -44.28 -10.98
CA SER B 227 -31.73 -45.51 -11.40
C SER B 227 -31.47 -45.59 -12.90
N GLN B 228 -31.97 -44.66 -13.71
CA GLN B 228 -31.64 -44.66 -15.15
C GLN B 228 -30.20 -44.27 -15.35
N TYR B 229 -29.58 -43.70 -14.33
CA TYR B 229 -28.15 -43.38 -14.38
C TYR B 229 -27.22 -44.58 -14.24
N ASP B 230 -27.70 -45.76 -13.81
CA ASP B 230 -26.82 -46.94 -13.65
C ASP B 230 -25.41 -46.53 -13.22
N ASN B 231 -25.31 -45.56 -12.27
CA ASN B 231 -24.03 -45.00 -11.72
C ASN B 231 -23.04 -44.39 -12.74
N CYS B 232 -23.59 -43.98 -13.89
CA CYS B 232 -22.86 -43.21 -14.90
C CYS B 232 -23.34 -41.82 -14.66
N LEU B 233 -22.48 -41.07 -13.99
CA LEU B 233 -22.85 -39.90 -13.30
C LEU B 233 -21.76 -38.87 -13.42
N THR B 234 -22.19 -37.62 -13.53
CA THR B 234 -21.28 -36.51 -13.49
C THR B 234 -21.38 -35.83 -12.14
N TYR B 235 -20.25 -35.42 -11.57
CA TYR B 235 -20.26 -34.80 -10.26
C TYR B 235 -19.73 -33.39 -10.39
N ARG B 236 -20.37 -32.43 -9.71
CA ARG B 236 -19.82 -31.07 -9.66
C ARG B 236 -19.37 -30.70 -8.25
N ARG B 237 -18.32 -29.89 -8.18
CA ARG B 237 -17.73 -29.57 -6.92
C ARG B 237 -18.60 -28.71 -6.05
N ILE B 238 -18.67 -29.10 -4.79
CA ILE B 238 -19.20 -28.24 -3.75
C ILE B 238 -18.18 -28.11 -2.63
N TYR B 239 -18.43 -27.20 -1.69
CA TYR B 239 -17.55 -26.88 -0.56
C TYR B 239 -18.37 -26.74 0.71
N LEU B 240 -17.76 -27.02 1.85
CA LEU B 240 -18.37 -26.64 3.11
C LEU B 240 -18.17 -25.16 3.35
N PRO B 241 -19.07 -24.53 4.14
CA PRO B 241 -19.02 -23.09 4.28
C PRO B 241 -17.94 -22.62 5.27
N PRO B 242 -17.44 -21.38 5.09
CA PRO B 242 -16.49 -20.78 6.03
C PRO B 242 -17.09 -20.57 7.42
N SER B 243 -16.32 -20.97 8.44
CA SER B 243 -16.64 -20.69 9.85
C SER B 243 -16.20 -19.25 10.16
N ARG B 244 -16.79 -18.66 11.20
CA ARG B 244 -16.59 -17.24 11.53
C ARG B 244 -17.03 -17.02 12.96
N PRO B 245 -16.34 -16.13 13.69
CA PRO B 245 -16.44 -16.26 15.13
C PRO B 245 -17.66 -15.52 15.69
N ASP B 246 -17.50 -14.26 16.06
CA ASP B 246 -18.62 -13.50 16.62
C ASP B 246 -19.79 -13.59 15.65
N ASP B 247 -19.51 -13.45 14.36
CA ASP B 247 -20.53 -13.22 13.39
C ASP B 247 -21.08 -14.54 12.88
N LEU B 248 -21.60 -15.39 13.78
CA LEU B 248 -22.07 -16.69 13.38
C LEU B 248 -22.76 -17.45 14.50
N ILE B 249 -23.66 -18.34 14.13
CA ILE B 249 -24.13 -19.37 15.06
C ILE B 249 -24.15 -20.84 14.51
N LYS B 250 -23.29 -21.09 13.47
CA LYS B 250 -22.57 -22.38 13.20
C LYS B 250 -22.81 -23.28 11.91
N PRO B 251 -22.11 -23.02 10.80
CA PRO B 251 -22.58 -23.47 9.48
C PRO B 251 -22.34 -24.94 9.14
N GLY B 252 -22.91 -25.40 8.05
CA GLY B 252 -22.72 -26.78 7.63
C GLY B 252 -23.97 -27.50 7.14
N LEU B 253 -23.82 -28.80 6.99
CA LEU B 253 -24.85 -29.58 6.41
C LEU B 253 -25.85 -29.99 7.46
N PHE B 254 -27.13 -30.03 7.07
CA PHE B 254 -28.21 -30.46 7.95
C PHE B 254 -29.15 -31.38 7.20
N LYS B 255 -29.75 -32.31 7.91
CA LYS B 255 -30.83 -33.15 7.40
C LYS B 255 -32.10 -32.40 7.72
N GLY B 256 -33.04 -32.30 6.77
CA GLY B 256 -34.27 -31.51 6.96
C GLY B 256 -35.51 -32.18 6.40
N THR B 257 -36.64 -31.95 7.05
CA THR B 257 -37.90 -32.53 6.58
C THR B 257 -38.52 -31.63 5.49
N TYR B 258 -38.88 -32.26 4.39
CA TYR B 258 -39.46 -31.54 3.28
C TYR B 258 -40.77 -32.24 2.91
N GLY B 259 -41.61 -32.40 3.91
CA GLY B 259 -42.89 -33.03 3.70
C GLY B 259 -42.78 -34.39 3.03
N SER B 260 -43.64 -34.59 2.04
CA SER B 260 -43.82 -35.85 1.32
C SER B 260 -42.64 -36.24 0.50
N HIS B 261 -41.73 -35.30 0.30
CA HIS B 261 -40.48 -35.60 -0.40
C HIS B 261 -39.51 -36.35 0.49
N GLY B 262 -39.81 -36.35 1.80
CA GLY B 262 -38.94 -36.91 2.81
C GLY B 262 -37.84 -35.94 3.14
N LEU B 263 -36.79 -36.45 3.73
CA LEU B 263 -35.68 -35.63 4.18
C LEU B 263 -34.84 -35.19 3.00
N GLU B 264 -34.28 -34.00 3.14
CA GLU B 264 -33.34 -33.49 2.18
C GLU B 264 -32.20 -32.93 2.95
N ILE B 265 -31.05 -32.86 2.28
CA ILE B 265 -29.86 -32.31 2.86
C ILE B 265 -29.69 -30.88 2.41
N VAL B 266 -29.47 -30.01 3.37
CA VAL B 266 -29.51 -28.58 3.19
C VAL B 266 -28.33 -27.97 3.89
N MET B 267 -27.58 -27.15 3.17
CA MET B 267 -26.42 -26.48 3.68
C MET B 267 -26.67 -25.04 4.21
N LEU B 268 -26.43 -24.84 5.51
CA LEU B 268 -26.53 -23.52 6.16
C LEU B 268 -25.25 -22.77 6.03
N SER B 269 -25.33 -21.52 5.62
CA SER B 269 -24.13 -20.73 5.46
C SER B 269 -24.46 -19.29 5.78
N PHE B 270 -23.46 -18.53 6.23
CA PHE B 270 -23.71 -17.13 6.64
C PHE B 270 -23.10 -16.11 5.68
N HIS B 271 -23.88 -15.06 5.45
CA HIS B 271 -23.60 -14.03 4.47
C HIS B 271 -24.08 -12.69 5.06
N GLY B 272 -23.36 -12.22 6.08
CA GLY B 272 -23.68 -10.97 6.76
C GLY B 272 -24.88 -11.07 7.70
N ARG B 273 -25.86 -10.20 7.51
CA ARG B 273 -27.06 -10.23 8.35
C ARG B 273 -28.16 -11.11 7.71
N ARG B 274 -27.72 -12.15 7.00
CA ARG B 274 -28.61 -13.15 6.38
C ARG B 274 -27.97 -14.53 6.41
N ALA B 275 -28.72 -15.54 6.80
CA ALA B 275 -28.25 -16.93 6.66
C ALA B 275 -28.94 -17.53 5.45
N ARG B 276 -28.25 -18.47 4.80
CA ARG B 276 -28.80 -19.09 3.60
C ARG B 276 -28.84 -20.61 3.77
N GLY B 277 -29.93 -21.20 3.29
CA GLY B 277 -30.09 -22.63 3.31
C GLY B 277 -30.12 -23.01 1.86
N THR B 278 -29.13 -23.79 1.43
CA THR B 278 -28.96 -24.18 0.03
C THR B 278 -29.19 -25.69 -0.09
N LYS B 279 -30.01 -26.15 -1.06
CA LYS B 279 -30.31 -27.58 -1.18
C LYS B 279 -29.14 -28.40 -1.74
N ILE B 280 -28.76 -29.47 -1.05
CA ILE B 280 -27.73 -30.33 -1.53
C ILE B 280 -28.41 -31.50 -2.22
N THR B 281 -29.44 -32.07 -1.59
CA THR B 281 -30.40 -32.88 -2.33
C THR B 281 -31.64 -32.06 -2.42
N GLY B 282 -32.47 -32.36 -3.42
CA GLY B 282 -33.74 -31.68 -3.64
C GLY B 282 -34.80 -32.55 -4.26
N ASP B 283 -35.87 -31.91 -4.71
CA ASP B 283 -37.01 -32.58 -5.25
C ASP B 283 -37.52 -31.82 -6.50
N PRO B 284 -38.50 -32.38 -7.18
CA PRO B 284 -38.98 -31.80 -8.41
C PRO B 284 -39.68 -30.46 -8.26
N ASN B 285 -40.11 -30.12 -7.05
CA ASN B 285 -40.62 -28.77 -6.80
C ASN B 285 -39.51 -27.75 -6.68
N ILE B 286 -38.64 -27.93 -5.68
CA ILE B 286 -37.46 -27.03 -5.53
C ILE B 286 -36.21 -27.90 -5.63
N PRO B 287 -35.48 -27.77 -6.74
CA PRO B 287 -34.42 -28.76 -6.99
C PRO B 287 -33.16 -28.56 -6.17
N ALA B 288 -32.26 -29.54 -6.25
CA ALA B 288 -30.95 -29.43 -5.66
C ALA B 288 -30.27 -28.21 -6.25
N GLY B 289 -29.46 -27.53 -5.43
CA GLY B 289 -28.75 -26.32 -5.83
C GLY B 289 -29.45 -25.00 -5.55
N GLN B 290 -30.72 -25.05 -5.18
CA GLN B 290 -31.49 -23.83 -4.99
C GLN B 290 -31.48 -23.36 -3.55
N GLN B 291 -31.87 -22.10 -3.38
CA GLN B 291 -31.96 -21.50 -2.07
C GLN B 291 -33.30 -21.83 -1.48
N THR B 292 -33.34 -22.78 -0.56
CA THR B 292 -34.59 -23.20 0.05
C THR B 292 -35.07 -22.22 1.09
N VAL B 293 -34.16 -21.46 1.66
CA VAL B 293 -34.51 -20.72 2.86
C VAL B 293 -33.55 -19.56 3.04
N GLU B 294 -34.05 -18.43 3.54
CA GLU B 294 -33.22 -17.24 3.75
C GLU B 294 -33.63 -16.54 5.03
N ILE B 295 -32.73 -16.50 5.99
CA ILE B 295 -33.03 -16.08 7.35
C ILE B 295 -32.51 -14.68 7.52
N ASP B 296 -33.35 -13.78 7.98
CA ASP B 296 -32.96 -12.39 8.18
C ASP B 296 -32.56 -12.19 9.64
N LEU B 297 -31.26 -12.03 9.82
CA LEU B 297 -30.65 -12.08 11.14
C LEU B 297 -30.69 -10.77 11.88
N ARG B 298 -31.34 -9.76 11.32
CA ARG B 298 -31.47 -8.47 11.99
C ARG B 298 -32.92 -8.23 12.36
N HIS B 299 -33.78 -9.23 12.13
CA HIS B 299 -35.18 -9.18 12.51
C HIS B 299 -35.57 -10.37 13.37
N ARG B 300 -35.13 -10.34 14.64
CA ARG B 300 -35.56 -11.33 15.63
C ARG B 300 -37.04 -11.23 15.82
N ILE B 301 -37.64 -12.32 16.32
CA ILE B 301 -39.05 -12.32 16.66
C ILE B 301 -39.18 -12.83 18.07
N GLN B 302 -39.89 -12.08 18.91
CA GLN B 302 -39.99 -12.42 20.30
C GLN B 302 -40.96 -13.57 20.38
N LEU B 303 -40.66 -14.49 21.27
CA LEU B 303 -41.50 -15.64 21.53
C LEU B 303 -42.47 -15.32 22.68
N PRO B 304 -43.79 -15.46 22.42
CA PRO B 304 -44.75 -15.33 23.51
C PRO B 304 -44.74 -16.49 24.54
N ASP B 305 -45.64 -16.44 25.51
CA ASP B 305 -45.84 -17.59 26.39
C ASP B 305 -46.47 -18.71 25.54
N LEU B 306 -46.41 -19.95 26.02
CA LEU B 306 -47.01 -21.09 25.30
C LEU B 306 -48.39 -20.80 24.69
N GLU B 307 -49.26 -20.13 25.44
CA GLU B 307 -50.66 -20.03 25.02
C GLU B 307 -50.82 -19.13 23.77
N ASN B 308 -49.90 -18.19 23.61
CA ASN B 308 -49.88 -17.28 22.47
C ASN B 308 -49.15 -17.88 21.28
N GLN B 309 -48.16 -18.72 21.59
CA GLN B 309 -47.52 -19.53 20.58
C GLN B 309 -48.54 -20.47 19.93
N ARG B 310 -49.50 -20.95 20.71
CA ARG B 310 -50.51 -21.83 20.16
C ARG B 310 -51.37 -21.11 19.13
N ASN B 311 -51.57 -19.79 19.29
CA ASN B 311 -52.48 -19.00 18.41
C ASN B 311 -51.85 -18.69 17.05
N PHE B 312 -52.29 -19.43 16.04
CA PHE B 312 -51.72 -19.30 14.72
C PHE B 312 -51.82 -17.89 14.11
N ASN B 313 -52.97 -17.26 14.29
CA ASN B 313 -53.19 -15.94 13.73
C ASN B 313 -52.37 -14.87 14.34
N GLU B 314 -52.02 -15.02 15.61
CA GLU B 314 -51.08 -14.10 16.22
C GLU B 314 -49.75 -14.25 15.50
N LEU B 315 -49.31 -15.47 15.30
CA LEU B 315 -48.07 -15.69 14.62
C LEU B 315 -48.12 -15.12 13.18
N SER B 316 -49.23 -15.30 12.50
CA SER B 316 -49.31 -14.82 11.13
C SER B 316 -49.29 -13.28 11.11
N ARG B 317 -50.10 -12.66 11.95
CA ARG B 317 -50.12 -11.20 11.99
C ARG B 317 -48.69 -10.70 12.26
N ILE B 318 -48.04 -11.23 13.30
CA ILE B 318 -46.68 -10.84 13.67
C ILE B 318 -45.71 -11.02 12.50
N VAL B 319 -45.76 -12.17 11.80
CA VAL B 319 -44.81 -12.41 10.71
C VAL B 319 -45.07 -11.49 9.53
N LEU B 320 -46.31 -11.29 9.16
CA LEU B 320 -46.62 -10.38 8.04
C LEU B 320 -46.26 -8.94 8.37
N GLU B 321 -46.39 -8.53 9.65
CA GLU B 321 -45.84 -7.23 10.11
C GLU B 321 -44.37 -7.11 9.68
N VAL B 322 -43.54 -8.02 10.14
CA VAL B 322 -42.11 -7.97 9.85
C VAL B 322 -41.84 -7.97 8.33
N ARG B 323 -42.61 -8.74 7.58
CA ARG B 323 -42.43 -8.76 6.14
C ARG B 323 -42.61 -7.36 5.59
N GLU B 324 -43.64 -6.68 6.07
CA GLU B 324 -43.90 -5.30 5.69
C GLU B 324 -42.75 -4.37 6.04
N ARG B 325 -42.31 -4.37 7.29
CA ARG B 325 -41.21 -3.50 7.70
C ARG B 325 -39.96 -3.78 6.86
N VAL B 326 -39.75 -5.03 6.46
CA VAL B 326 -38.63 -5.39 5.62
C VAL B 326 -38.81 -4.79 4.23
N ARG B 327 -40.02 -4.86 3.69
CA ARG B 327 -40.26 -4.25 2.39
C ARG B 327 -40.08 -2.73 2.39
N GLN B 328 -40.34 -2.10 3.53
CA GLN B 328 -40.05 -0.68 3.74
C GLN B 328 -38.56 -0.40 3.68
N GLU B 329 -37.80 -1.11 4.50
CA GLU B 329 -36.35 -0.96 4.56
C GLU B 329 -35.73 -1.13 3.15
N GLN B 330 -35.97 -2.27 2.50
CA GLN B 330 -35.39 -2.56 1.17
C GLN B 330 -35.89 -1.64 0.05
N GLN B 331 -37.17 -1.27 0.07
CA GLN B 331 -37.76 -0.40 -0.96
C GLN B 331 -37.10 0.99 -1.00
N GLU B 332 -37.05 1.66 0.16
CA GLU B 332 -36.34 2.92 0.29
C GLU B 332 -36.09 3.26 1.75
N GLY B 392 -32.89 -20.91 27.09
CA GLY B 392 -34.03 -20.76 26.18
C GLY B 392 -35.35 -21.14 26.84
N GLN B 393 -36.44 -20.61 26.30
CA GLN B 393 -37.77 -20.80 26.90
C GLN B 393 -38.60 -21.87 26.20
N PRO B 394 -39.71 -22.32 26.83
CA PRO B 394 -40.64 -23.29 26.22
C PRO B 394 -41.11 -22.92 24.82
N PHE B 395 -41.31 -23.93 23.98
CA PHE B 395 -41.71 -23.75 22.60
C PHE B 395 -42.79 -24.74 22.23
N VAL B 396 -43.74 -24.30 21.41
CA VAL B 396 -44.75 -25.17 20.82
C VAL B 396 -45.23 -24.60 19.46
N LEU B 397 -45.48 -25.50 18.52
CA LEU B 397 -46.01 -25.07 17.26
C LEU B 397 -47.42 -24.58 17.50
N PRO B 398 -47.87 -23.63 16.67
CA PRO B 398 -49.27 -23.23 16.75
C PRO B 398 -50.19 -24.37 16.39
N VAL B 399 -51.46 -24.25 16.77
CA VAL B 399 -52.46 -25.20 16.36
C VAL B 399 -52.74 -25.02 14.88
N GLY B 400 -52.66 -26.13 14.15
CA GLY B 400 -53.01 -26.18 12.74
C GLY B 400 -51.78 -26.15 11.86
N VAL B 401 -50.60 -26.14 12.49
CA VAL B 401 -49.35 -26.26 11.77
C VAL B 401 -48.84 -27.71 11.83
N SER B 402 -48.70 -28.33 10.68
CA SER B 402 -48.31 -29.73 10.67
C SER B 402 -46.80 -29.83 10.88
N SER B 403 -46.37 -30.96 11.44
CA SER B 403 -44.94 -31.28 11.53
C SER B 403 -44.77 -32.77 11.39
N ARG B 404 -44.15 -33.21 10.31
CA ARG B 404 -43.83 -34.62 10.11
C ARG B 404 -43.07 -35.17 11.31
N ASN B 405 -42.14 -34.40 11.91
CA ASN B 405 -41.35 -34.96 13.00
C ASN B 405 -42.07 -35.25 14.30
N GLU B 406 -42.79 -34.29 14.85
CA GLU B 406 -43.51 -34.47 16.16
C GLU B 406 -42.62 -34.45 17.42
N ASP B 407 -41.37 -34.94 17.32
CA ASP B 407 -40.37 -34.81 18.40
C ASP B 407 -39.51 -33.57 18.23
N TYR B 408 -40.07 -32.52 17.67
CA TYR B 408 -39.35 -31.26 17.63
C TYR B 408 -39.11 -30.80 19.07
N PRO B 409 -37.95 -30.22 19.33
CA PRO B 409 -37.69 -29.84 20.70
C PRO B 409 -38.73 -28.86 21.23
N ARG B 410 -39.07 -28.99 22.50
CA ARG B 410 -40.05 -28.14 23.13
C ARG B 410 -39.44 -26.96 23.92
N THR B 411 -38.21 -26.60 23.59
CA THR B 411 -37.53 -25.45 24.18
C THR B 411 -36.79 -24.82 22.99
N CYS B 412 -36.68 -23.49 22.94
CA CYS B 412 -35.86 -22.85 21.90
C CYS B 412 -35.16 -21.58 22.38
N ARG B 413 -34.05 -21.26 21.72
CA ARG B 413 -33.20 -20.13 22.10
C ARG B 413 -33.55 -18.81 21.39
N MET B 414 -34.06 -18.84 20.16
CA MET B 414 -34.52 -17.59 19.52
C MET B 414 -35.22 -17.83 18.18
N CYS B 415 -35.85 -16.77 17.66
CA CYS B 415 -36.55 -16.82 16.36
C CYS B 415 -36.18 -15.66 15.46
N PHE B 416 -36.22 -15.86 14.14
CA PHE B 416 -36.00 -14.77 13.17
C PHE B 416 -36.94 -14.88 12.01
N TYR B 417 -37.25 -13.73 11.41
CA TYR B 417 -37.99 -13.72 10.17
C TYR B 417 -37.14 -14.36 9.07
N GLY B 418 -37.79 -15.07 8.16
CA GLY B 418 -37.14 -15.59 6.98
C GLY B 418 -38.17 -15.88 5.90
N THR B 419 -37.67 -16.24 4.73
CA THR B 419 -38.55 -16.62 3.64
C THR B 419 -38.03 -17.93 3.06
N GLY B 420 -38.95 -18.69 2.49
CA GLY B 420 -38.63 -19.96 1.85
C GLY B 420 -39.02 -19.90 0.39
N LEU B 421 -38.39 -20.73 -0.42
CA LEU B 421 -38.69 -20.78 -1.85
C LEU B 421 -39.69 -21.90 -2.11
N ILE B 422 -40.76 -21.60 -2.84
CA ILE B 422 -41.70 -22.64 -3.23
C ILE B 422 -41.93 -22.58 -4.73
N ALA B 423 -42.37 -23.70 -5.29
CA ALA B 423 -42.67 -23.79 -6.69
C ALA B 423 -43.57 -25.00 -6.92
N GLY B 424 -44.27 -25.01 -8.05
CA GLY B 424 -45.04 -26.18 -8.40
C GLY B 424 -44.10 -27.17 -9.06
N HIS B 425 -44.64 -28.35 -9.32
CA HIS B 425 -43.89 -29.41 -10.01
C HIS B 425 -43.21 -28.92 -11.27
N GLY B 426 -41.93 -29.21 -11.39
CA GLY B 426 -41.11 -28.78 -12.51
C GLY B 426 -40.36 -27.50 -12.19
N PHE B 427 -40.41 -27.10 -10.91
CA PHE B 427 -39.81 -25.87 -10.50
C PHE B 427 -40.49 -24.70 -11.22
N THR B 428 -41.81 -24.75 -11.27
CA THR B 428 -42.56 -23.74 -12.00
C THR B 428 -42.94 -22.54 -11.13
N SER B 429 -42.58 -21.34 -11.59
CA SER B 429 -43.04 -20.10 -10.97
C SER B 429 -42.64 -20.08 -9.52
N PRO B 430 -41.34 -20.21 -9.29
CA PRO B 430 -40.86 -20.23 -7.90
C PRO B 430 -41.23 -18.92 -7.21
N GLU B 431 -41.39 -18.92 -5.90
CA GLU B 431 -41.61 -17.67 -5.17
C GLU B 431 -41.18 -17.74 -3.68
N ARG B 432 -40.96 -16.57 -3.07
CA ARG B 432 -40.58 -16.51 -1.68
C ARG B 432 -41.84 -16.38 -0.89
N THR B 433 -42.05 -17.27 0.08
CA THR B 433 -43.13 -17.11 1.07
C THR B 433 -42.54 -16.81 2.42
N PRO B 434 -43.23 -15.97 3.17
CA PRO B 434 -42.79 -15.67 4.51
C PRO B 434 -42.87 -16.88 5.44
N GLY B 435 -42.01 -16.82 6.46
CA GLY B 435 -41.95 -17.83 7.51
C GLY B 435 -41.14 -17.34 8.70
N VAL B 436 -40.93 -18.24 9.67
CA VAL B 436 -40.11 -17.90 10.85
C VAL B 436 -39.18 -19.04 11.18
N PHE B 437 -37.92 -18.67 11.32
CA PHE B 437 -36.84 -19.56 11.63
C PHE B 437 -36.68 -19.67 13.15
N ILE B 438 -36.55 -20.91 13.61
CA ILE B 438 -36.53 -21.23 15.02
C ILE B 438 -35.25 -21.96 15.37
N LEU B 439 -34.48 -21.40 16.29
CA LEU B 439 -33.22 -22.02 16.73
C LEU B 439 -33.44 -22.77 18.03
N PHE B 440 -33.19 -24.08 18.02
CA PHE B 440 -33.38 -24.90 19.22
C PHE B 440 -32.12 -24.98 20.04
N ASP B 441 -31.06 -25.51 19.42
CA ASP B 441 -29.75 -25.65 20.06
C ASP B 441 -28.67 -25.47 19.00
N GLU B 442 -27.43 -25.75 19.36
CA GLU B 442 -26.34 -25.46 18.44
C GLU B 442 -26.50 -26.19 17.14
N ASP B 443 -27.32 -27.23 17.10
CA ASP B 443 -27.39 -27.97 15.87
C ASP B 443 -28.76 -28.57 15.54
N ARG B 444 -29.81 -27.83 15.89
CA ARG B 444 -31.15 -28.16 15.50
C ARG B 444 -31.96 -26.87 15.26
N PHE B 445 -32.56 -26.73 14.09
CA PHE B 445 -33.39 -25.57 13.84
C PHE B 445 -34.62 -25.92 13.05
N GLY B 446 -35.51 -24.95 12.93
CA GLY B 446 -36.81 -25.17 12.30
C GLY B 446 -37.29 -24.00 11.47
N PHE B 447 -38.19 -24.27 10.54
CA PHE B 447 -38.77 -23.20 9.76
C PHE B 447 -40.27 -23.45 9.60
N VAL B 448 -41.05 -22.49 10.06
CA VAL B 448 -42.49 -22.54 9.92
C VAL B 448 -42.84 -21.88 8.62
N TRP B 449 -43.37 -22.68 7.71
CA TRP B 449 -43.84 -22.22 6.40
C TRP B 449 -45.24 -21.61 6.56
N LEU B 450 -45.32 -20.28 6.65
CA LEU B 450 -46.56 -19.63 7.12
C LEU B 450 -47.74 -20.00 6.20
N GLU B 451 -47.64 -19.65 4.91
CA GLU B 451 -48.73 -19.95 3.95
C GLU B 451 -49.03 -21.45 3.79
N LEU B 452 -48.13 -22.36 4.15
CA LEU B 452 -48.48 -23.80 4.09
C LEU B 452 -48.84 -24.39 5.44
N LYS B 453 -48.83 -23.60 6.51
CA LYS B 453 -49.13 -24.11 7.83
C LYS B 453 -48.38 -25.41 8.07
N SER B 454 -47.08 -25.35 7.88
CA SER B 454 -46.24 -26.52 7.84
C SER B 454 -44.89 -26.20 8.47
N PHE B 455 -44.35 -27.16 9.21
CA PHE B 455 -43.04 -27.01 9.86
C PHE B 455 -41.94 -27.94 9.37
N SER B 456 -40.78 -27.38 9.05
CA SER B 456 -39.61 -28.19 8.65
C SER B 456 -38.64 -28.19 9.81
N LEU B 457 -38.19 -29.38 10.20
CA LEU B 457 -37.26 -29.54 11.31
C LEU B 457 -35.96 -30.04 10.75
N TYR B 458 -34.89 -29.33 11.07
CA TYR B 458 -33.53 -29.55 10.55
C TYR B 458 -32.56 -29.96 11.66
N SER B 459 -31.60 -30.83 11.36
CA SER B 459 -30.65 -31.28 12.38
C SER B 459 -29.30 -31.62 11.81
N ARG B 460 -28.24 -31.17 12.51
CA ARG B 460 -26.89 -31.15 11.91
C ARG B 460 -26.38 -32.53 11.60
N VAL B 461 -25.77 -32.61 10.43
CA VAL B 461 -25.08 -33.77 9.94
C VAL B 461 -23.81 -33.87 10.76
N GLN B 462 -23.68 -34.92 11.57
CA GLN B 462 -22.56 -34.99 12.54
C GLN B 462 -21.27 -35.48 11.87
N ALA B 463 -21.39 -36.35 10.89
CA ALA B 463 -20.26 -36.78 10.06
C ALA B 463 -19.26 -35.68 9.76
N THR B 464 -18.01 -36.09 9.54
CA THR B 464 -16.88 -35.20 9.31
C THR B 464 -16.39 -35.36 7.90
N PHE B 465 -16.03 -34.27 7.22
CA PHE B 465 -15.69 -34.38 5.81
C PHE B 465 -14.28 -33.89 5.51
N ARG B 466 -13.58 -34.75 4.77
CA ARG B 466 -12.22 -34.52 4.34
C ARG B 466 -12.18 -33.88 2.95
N ASN B 467 -11.35 -32.83 2.80
CA ASN B 467 -11.06 -32.12 1.54
C ASN B 467 -12.15 -31.16 1.13
N ALA B 468 -13.06 -30.84 2.04
CA ALA B 468 -14.31 -30.15 1.68
C ALA B 468 -14.29 -28.65 1.92
N ASP B 469 -13.19 -28.10 2.42
CA ASP B 469 -13.15 -26.67 2.71
C ASP B 469 -12.96 -25.89 1.42
N ALA B 470 -13.46 -24.67 1.42
CA ALA B 470 -13.36 -23.80 0.26
C ALA B 470 -11.97 -23.17 0.26
N PRO B 471 -11.47 -22.76 -0.91
CA PRO B 471 -10.28 -21.89 -0.96
C PRO B 471 -10.43 -20.55 -0.23
N SER B 472 -11.62 -19.96 -0.30
CA SER B 472 -11.86 -18.65 0.26
C SER B 472 -13.36 -18.41 0.33
N PRO B 473 -13.77 -17.33 0.99
CA PRO B 473 -15.20 -17.07 0.99
C PRO B 473 -15.78 -16.78 -0.40
N GLN B 474 -15.02 -16.14 -1.29
CA GLN B 474 -15.56 -15.81 -2.62
C GLN B 474 -15.69 -17.06 -3.47
N ALA B 475 -14.79 -18.02 -3.25
CA ALA B 475 -14.86 -19.27 -3.98
C ALA B 475 -16.15 -20.04 -3.64
N PHE B 476 -16.48 -20.03 -2.35
CA PHE B 476 -17.74 -20.59 -1.87
C PHE B 476 -18.94 -19.91 -2.52
N ASP B 477 -19.10 -18.63 -2.31
CA ASP B 477 -20.14 -17.85 -3.01
C ASP B 477 -20.20 -18.18 -4.51
N GLU B 478 -19.04 -18.34 -5.15
CA GLU B 478 -19.00 -18.70 -6.57
C GLU B 478 -19.61 -20.09 -6.81
N MET B 479 -19.16 -21.05 -6.02
CA MET B 479 -19.72 -22.41 -6.02
C MET B 479 -21.24 -22.41 -5.89
N LEU B 480 -21.77 -21.63 -4.94
CA LEU B 480 -23.20 -21.52 -4.78
C LEU B 480 -23.84 -21.09 -6.09
N LYS B 481 -23.24 -20.15 -6.79
CA LYS B 481 -23.89 -19.64 -8.00
C LYS B 481 -23.85 -20.67 -9.12
N ASN B 482 -22.82 -21.51 -9.16
CA ASN B 482 -22.74 -22.53 -10.22
C ASN B 482 -23.78 -23.62 -10.01
N ILE B 483 -23.87 -24.18 -8.81
CA ILE B 483 -24.87 -25.23 -8.56
C ILE B 483 -26.33 -24.73 -8.65
N GLN B 484 -26.57 -23.49 -8.30
CA GLN B 484 -27.88 -22.90 -8.55
C GLN B 484 -28.24 -22.79 -10.01
N SER B 485 -27.28 -22.43 -10.84
CA SER B 485 -27.56 -22.15 -12.26
C SER B 485 -27.81 -23.45 -13.00
N LEU B 486 -27.11 -24.50 -12.58
CA LEU B 486 -27.25 -25.84 -13.14
C LEU B 486 -28.67 -26.36 -13.15
N THR B 487 -29.44 -26.03 -12.11
CA THR B 487 -30.85 -26.43 -11.99
C THR B 487 -31.86 -25.30 -12.22
N SER B 488 -31.37 -24.11 -12.55
CA SER B 488 -32.22 -22.95 -12.75
C SER B 488 -33.11 -23.14 -13.98
N ALA C 2 -3.06 61.69 -44.12
CA ALA C 2 -2.11 62.83 -43.98
C ALA C 2 -2.34 63.56 -42.67
N SER C 3 -3.46 64.27 -42.59
CA SER C 3 -3.68 65.24 -41.52
C SER C 3 -5.14 65.30 -41.08
N ILE C 4 -5.36 65.52 -39.78
CA ILE C 4 -6.71 65.74 -39.23
C ILE C 4 -6.78 66.82 -38.13
N LYS C 5 -7.98 67.40 -37.96
CA LYS C 5 -8.20 68.61 -37.14
C LYS C 5 -8.67 68.25 -35.73
N LEU C 6 -8.15 68.96 -34.73
CA LEU C 6 -8.53 68.76 -33.32
C LEU C 6 -8.74 70.08 -32.59
N GLN C 7 -9.91 70.23 -31.96
CA GLN C 7 -10.31 71.48 -31.30
C GLN C 7 -10.15 71.39 -29.79
N SER C 8 -9.33 72.28 -29.23
CA SER C 8 -9.12 72.30 -27.78
C SER C 8 -10.38 72.78 -27.08
N SER C 9 -10.43 72.59 -25.76
CA SER C 9 -11.50 73.13 -24.92
C SER C 9 -11.40 74.65 -24.87
N ASP C 10 -10.17 75.16 -25.02
CA ASP C 10 -9.94 76.59 -25.20
C ASP C 10 -10.50 77.03 -26.56
N GLY C 11 -9.65 77.39 -27.51
CA GLY C 11 -10.12 77.75 -28.84
C GLY C 11 -10.54 76.53 -29.64
N GLU C 12 -9.65 75.94 -30.43
CA GLU C 12 -8.28 76.46 -30.68
C GLU C 12 -7.72 75.91 -31.99
N ILE C 13 -7.90 74.59 -32.20
CA ILE C 13 -7.56 73.90 -33.44
C ILE C 13 -6.08 73.51 -33.48
N PHE C 14 -5.82 72.20 -33.62
CA PHE C 14 -4.49 71.65 -33.85
C PHE C 14 -4.51 70.71 -35.05
N GLU C 15 -3.64 70.96 -36.01
CA GLU C 15 -3.48 70.08 -37.18
C GLU C 15 -2.49 68.97 -36.82
N VAL C 16 -2.86 67.71 -37.08
CA VAL C 16 -2.08 66.56 -36.62
C VAL C 16 -2.09 65.39 -37.60
N ASP C 17 -0.99 64.65 -37.62
CA ASP C 17 -0.86 63.41 -38.39
C ASP C 17 -1.94 62.41 -37.96
N VAL C 18 -2.34 61.55 -38.89
CA VAL C 18 -3.49 60.68 -38.65
C VAL C 18 -3.17 59.62 -37.60
N GLU C 19 -2.13 58.82 -37.85
CA GLU C 19 -1.85 57.66 -37.01
C GLU C 19 -1.25 58.02 -35.67
N ILE C 20 -0.78 59.25 -35.54
CA ILE C 20 -0.37 59.81 -34.26
C ILE C 20 -1.57 60.04 -33.34
N ALA C 21 -2.53 60.82 -33.81
CA ALA C 21 -3.78 61.07 -33.07
C ALA C 21 -4.48 59.78 -32.68
N LYS C 22 -4.37 58.76 -33.53
CA LYS C 22 -5.05 57.48 -33.29
C LYS C 22 -4.46 56.69 -32.14
N GLN C 23 -3.33 57.15 -31.60
CA GLN C 23 -2.84 56.63 -30.32
C GLN C 23 -3.86 56.93 -29.21
N SER C 24 -4.69 57.96 -29.43
CA SER C 24 -5.84 58.22 -28.57
C SER C 24 -7.02 57.45 -29.10
N VAL C 25 -7.42 56.44 -28.37
CA VAL C 25 -8.53 55.62 -28.82
C VAL C 25 -9.82 56.41 -28.85
N THR C 26 -9.88 57.49 -28.06
CA THR C 26 -11.04 58.37 -28.04
C THR C 26 -11.14 59.13 -29.37
N ILE C 27 -10.03 59.73 -29.77
CA ILE C 27 -9.94 60.43 -31.03
C ILE C 27 -10.13 59.49 -32.22
N LYS C 28 -9.47 58.34 -32.19
CA LYS C 28 -9.66 57.34 -33.24
C LYS C 28 -11.16 57.06 -33.39
N THR C 29 -11.84 56.89 -32.27
CA THR C 29 -13.25 56.54 -32.34
C THR C 29 -14.09 57.66 -32.97
N MET C 30 -13.81 58.91 -32.56
CA MET C 30 -14.54 60.07 -33.07
C MET C 30 -14.30 60.31 -34.56
N LEU C 31 -13.08 60.07 -35.01
CA LEU C 31 -12.74 60.15 -36.45
C LEU C 31 -13.42 59.07 -37.26
N GLU C 32 -13.36 57.84 -36.77
CA GLU C 32 -13.74 56.69 -37.56
C GLU C 32 -15.19 56.38 -37.42
N ASP C 33 -15.69 56.37 -36.20
CA ASP C 33 -17.05 55.94 -35.96
C ASP C 33 -18.06 57.08 -36.06
N LEU C 34 -17.64 58.26 -35.60
CA LEU C 34 -18.52 59.42 -35.58
C LEU C 34 -18.20 60.45 -36.67
N GLY C 35 -17.29 60.11 -37.57
CA GLY C 35 -16.88 60.99 -38.67
C GLY C 35 -16.63 62.46 -38.35
N MET C 36 -16.08 62.76 -37.18
CA MET C 36 -15.94 64.18 -36.77
C MET C 36 -14.72 64.85 -37.42
N ASP C 37 -14.87 66.14 -37.69
CA ASP C 37 -13.77 67.00 -38.15
C ASP C 37 -14.25 68.45 -38.23
N PRO C 38 -13.70 69.33 -37.37
CA PRO C 38 -12.71 69.02 -36.35
C PRO C 38 -13.27 68.12 -35.25
N VAL C 39 -12.39 67.63 -34.37
CA VAL C 39 -12.79 66.82 -33.23
C VAL C 39 -12.95 67.73 -31.99
N PRO C 40 -14.15 67.72 -31.39
CA PRO C 40 -14.39 68.53 -30.21
C PRO C 40 -13.85 67.82 -28.96
N LEU C 41 -12.81 68.40 -28.37
CA LEU C 41 -12.20 67.93 -27.12
C LEU C 41 -12.52 68.91 -25.97
N PRO C 42 -13.75 68.87 -25.46
CA PRO C 42 -14.16 69.84 -24.44
C PRO C 42 -13.54 69.64 -23.04
N ASN C 43 -12.65 68.67 -22.88
CA ASN C 43 -11.97 68.42 -21.61
C ASN C 43 -10.47 68.71 -21.61
N VAL C 44 -9.93 69.28 -22.68
CA VAL C 44 -8.49 69.52 -22.74
C VAL C 44 -8.19 70.87 -23.33
N ASN C 45 -7.66 71.77 -22.50
CA ASN C 45 -7.23 73.08 -22.99
C ASN C 45 -6.03 72.96 -23.93
N ALA C 46 -5.80 74.00 -24.72
CA ALA C 46 -4.71 74.01 -25.69
C ALA C 46 -3.38 73.53 -25.08
N ALA C 47 -2.97 74.20 -23.99
CA ALA C 47 -1.64 73.99 -23.40
C ALA C 47 -1.31 72.53 -23.12
N ILE C 48 -2.29 71.78 -22.61
CA ILE C 48 -2.09 70.37 -22.27
C ILE C 48 -1.95 69.53 -23.54
N LEU C 49 -2.90 69.72 -24.46
CA LEU C 49 -2.90 69.02 -25.74
C LEU C 49 -1.56 69.10 -26.47
N LYS C 50 -0.90 70.24 -26.41
CA LYS C 50 0.41 70.42 -27.06
C LYS C 50 1.36 69.29 -26.71
N LYS C 51 1.68 69.18 -25.43
CA LYS C 51 2.62 68.18 -24.97
C LYS C 51 2.10 66.77 -25.22
N VAL C 52 0.80 66.55 -24.99
CA VAL C 52 0.19 65.26 -25.31
C VAL C 52 0.65 64.84 -26.68
N ILE C 53 0.59 65.77 -27.65
CA ILE C 53 1.07 65.51 -28.99
C ILE C 53 2.57 65.30 -29.00
N GLN C 54 3.30 66.22 -28.40
CA GLN C 54 4.74 66.08 -28.32
C GLN C 54 5.13 64.66 -27.89
N TRP C 55 4.37 64.10 -26.95
CA TRP C 55 4.59 62.73 -26.44
C TRP C 55 4.26 61.66 -27.45
N CYS C 56 3.04 61.69 -27.97
CA CYS C 56 2.60 60.73 -28.99
C CYS C 56 3.49 60.78 -30.23
N THR C 57 3.99 61.98 -30.56
CA THR C 57 4.90 62.19 -31.68
C THR C 57 6.27 61.51 -31.49
N HIS C 58 6.69 61.34 -30.24
CA HIS C 58 7.89 60.54 -29.96
C HIS C 58 7.61 59.03 -30.06
N HIS C 59 6.63 58.55 -29.30
CA HIS C 59 6.34 57.10 -29.23
C HIS C 59 5.58 56.58 -30.44
N LYS C 60 6.20 56.58 -31.60
CA LYS C 60 5.54 56.10 -32.81
C LYS C 60 5.43 54.57 -32.76
N ASP C 61 6.54 53.91 -32.45
CA ASP C 61 6.69 52.46 -32.66
C ASP C 61 7.14 51.77 -31.38
N ASP C 62 6.21 51.07 -30.72
CA ASP C 62 6.44 50.61 -29.35
C ASP C 62 5.89 49.19 -29.11
N PRO C 63 6.11 48.64 -27.89
CA PRO C 63 5.42 47.43 -27.42
C PRO C 63 3.91 47.44 -27.67
N ASP C 69 8.78 48.42 -18.74
CA ASP C 69 8.00 48.74 -17.55
C ASP C 69 8.86 49.38 -16.45
N ASP C 70 9.64 50.41 -16.78
CA ASP C 70 10.24 51.25 -15.74
C ASP C 70 10.71 52.67 -16.14
N ILE C 71 10.06 53.27 -17.13
CA ILE C 71 10.21 54.70 -17.47
C ILE C 71 11.51 55.08 -18.20
N PRO C 72 11.43 55.28 -19.55
CA PRO C 72 12.59 55.73 -20.33
C PRO C 72 13.07 57.13 -19.95
N VAL C 73 14.28 57.47 -20.39
CA VAL C 73 14.91 58.74 -20.00
C VAL C 73 14.17 59.92 -20.62
N TRP C 74 13.85 59.79 -21.91
CA TRP C 74 13.12 60.85 -22.62
C TRP C 74 11.88 61.26 -21.84
N ASP C 75 11.14 60.26 -21.37
CA ASP C 75 9.88 60.47 -20.66
C ASP C 75 10.04 61.18 -19.31
N GLN C 76 11.11 60.86 -18.59
CA GLN C 76 11.36 61.50 -17.30
C GLN C 76 11.58 63.00 -17.47
N GLU C 77 12.35 63.37 -18.48
CA GLU C 77 12.58 64.79 -18.78
C GLU C 77 11.28 65.42 -19.24
N PHE C 78 10.63 64.80 -20.24
CA PHE C 78 9.33 65.25 -20.72
C PHE C 78 8.39 65.56 -19.55
N LEU C 79 8.40 64.68 -18.56
CA LEU C 79 7.49 64.76 -17.44
C LEU C 79 7.87 65.76 -16.35
N LYS C 80 9.12 66.23 -16.33
CA LYS C 80 9.58 67.18 -15.30
C LYS C 80 8.89 68.55 -15.46
N VAL C 81 7.70 68.65 -14.88
CA VAL C 81 6.88 69.87 -14.91
C VAL C 81 6.23 70.00 -13.54
N ASP C 82 5.51 71.09 -13.32
CA ASP C 82 4.81 71.30 -12.06
C ASP C 82 3.69 70.26 -11.84
N GLN C 83 3.31 70.13 -10.56
CA GLN C 83 2.31 69.14 -10.12
C GLN C 83 0.94 69.27 -10.76
N GLY C 84 0.45 70.50 -10.87
CA GLY C 84 -0.86 70.75 -11.47
C GLY C 84 -0.94 70.21 -12.87
N THR C 85 0.08 70.53 -13.67
CA THR C 85 0.17 70.08 -15.07
C THR C 85 0.22 68.55 -15.20
N LEU C 86 0.99 67.92 -14.31
CA LEU C 86 1.06 66.46 -14.23
C LEU C 86 -0.33 65.83 -14.07
N PHE C 87 -1.16 66.42 -13.20
CA PHE C 87 -2.50 65.88 -12.95
C PHE C 87 -3.48 66.20 -14.09
N GLU C 88 -3.20 67.28 -14.84
CA GLU C 88 -3.95 67.59 -16.04
C GLU C 88 -3.62 66.59 -17.15
N LEU C 89 -2.38 66.12 -17.18
CA LEU C 89 -1.97 65.08 -18.14
C LEU C 89 -2.62 63.72 -17.86
N ILE C 90 -2.64 63.32 -16.60
CA ILE C 90 -3.27 62.06 -16.19
C ILE C 90 -4.72 62.07 -16.65
N LEU C 91 -5.41 63.15 -16.31
CA LEU C 91 -6.80 63.32 -16.73
C LEU C 91 -6.99 63.29 -18.23
N ALA C 92 -6.12 64.00 -18.95
CA ALA C 92 -6.13 64.01 -20.41
C ALA C 92 -5.93 62.61 -21.01
N ALA C 93 -4.84 61.96 -20.60
CA ALA C 93 -4.52 60.61 -21.06
C ALA C 93 -5.71 59.71 -20.81
N ASN C 94 -6.33 59.85 -19.63
CA ASN C 94 -7.50 59.06 -19.33
C ASN C 94 -8.70 59.33 -20.23
N TYR C 95 -9.02 60.61 -20.45
CA TYR C 95 -10.18 61.00 -21.28
C TYR C 95 -9.93 60.67 -22.76
N LEU C 96 -8.72 60.95 -23.23
CA LEU C 96 -8.29 60.59 -24.58
C LEU C 96 -8.00 59.09 -24.75
N ASP C 97 -7.94 58.36 -23.64
CA ASP C 97 -7.66 56.93 -23.64
C ASP C 97 -6.35 56.60 -24.37
N ILE C 98 -5.30 57.29 -23.93
CA ILE C 98 -3.94 57.00 -24.36
C ILE C 98 -3.28 56.18 -23.26
N LYS C 99 -3.20 54.87 -23.44
CA LYS C 99 -2.78 53.98 -22.35
C LYS C 99 -1.33 54.16 -21.92
N GLY C 100 -0.44 54.36 -22.89
CA GLY C 100 0.98 54.56 -22.61
C GLY C 100 1.21 55.73 -21.66
N LEU C 101 0.72 56.90 -22.07
CA LEU C 101 0.88 58.15 -21.30
C LEU C 101 0.32 58.07 -19.86
N LEU C 102 -0.88 57.51 -19.73
CA LEU C 102 -1.53 57.32 -18.44
C LEU C 102 -0.65 56.49 -17.48
N ASP C 103 -0.11 55.39 -17.98
CA ASP C 103 0.75 54.53 -17.17
C ASP C 103 1.92 55.29 -16.63
N VAL C 104 2.67 55.89 -17.53
CA VAL C 104 3.92 56.52 -17.16
C VAL C 104 3.70 57.74 -16.23
N THR C 105 2.54 58.39 -16.33
CA THR C 105 2.23 59.52 -15.44
C THR C 105 1.85 59.01 -14.05
N CYS C 106 0.93 58.07 -13.98
CA CYS C 106 0.57 57.43 -12.72
C CYS C 106 1.80 56.77 -12.04
N LYS C 107 2.74 56.23 -12.82
CA LYS C 107 3.99 55.67 -12.31
C LYS C 107 4.89 56.71 -11.66
N THR C 108 5.03 57.84 -12.33
CA THR C 108 5.80 58.95 -11.79
C THR C 108 5.22 59.35 -10.44
N VAL C 109 3.91 59.47 -10.39
CA VAL C 109 3.19 59.84 -9.16
C VAL C 109 3.38 58.78 -8.09
N ALA C 110 3.25 57.51 -8.47
CA ALA C 110 3.56 56.41 -7.55
C ALA C 110 5.00 56.59 -7.04
N ASN C 111 5.94 56.72 -7.96
CA ASN C 111 7.36 56.93 -7.62
C ASN C 111 7.64 58.13 -6.72
N MET C 112 6.84 59.19 -6.84
CA MET C 112 6.94 60.29 -5.87
C MET C 112 6.65 59.74 -4.47
N ILE C 113 5.60 58.94 -4.33
CA ILE C 113 5.15 58.47 -2.99
C ILE C 113 6.08 57.43 -2.31
N LYS C 114 6.67 56.55 -3.11
CA LYS C 114 7.37 55.37 -2.60
C LYS C 114 8.31 55.67 -1.44
N GLY C 115 7.91 55.30 -0.23
CA GLY C 115 8.77 55.33 0.94
C GLY C 115 8.57 56.50 1.89
N LYS C 116 7.50 57.27 1.71
CA LYS C 116 7.33 58.49 2.50
C LYS C 116 6.34 58.41 3.67
N THR C 117 6.61 59.25 4.67
CA THR C 117 5.73 59.41 5.83
C THR C 117 4.46 60.13 5.42
N PRO C 118 3.40 60.04 6.25
CA PRO C 118 2.19 60.83 5.98
C PRO C 118 2.43 62.34 6.04
N GLU C 119 3.26 62.78 6.99
CA GLU C 119 3.66 64.18 7.10
C GLU C 119 4.26 64.65 5.79
N GLU C 120 5.27 63.92 5.32
CA GLU C 120 5.98 64.25 4.08
C GLU C 120 5.02 64.35 2.91
N ILE C 121 4.25 63.28 2.72
CA ILE C 121 3.28 63.18 1.62
C ILE C 121 2.39 64.41 1.53
N ARG C 122 1.83 64.81 2.67
CA ARG C 122 0.93 65.95 2.72
C ARG C 122 1.57 67.26 2.26
N LYS C 123 2.85 67.46 2.57
CA LYS C 123 3.60 68.61 2.07
C LYS C 123 3.90 68.46 0.58
N THR C 124 4.32 67.27 0.18
CA THR C 124 4.69 67.03 -1.21
C THR C 124 3.56 67.34 -2.18
N PHE C 125 2.31 67.08 -1.80
CA PHE C 125 1.14 67.30 -2.66
C PHE C 125 0.20 68.40 -2.19
N ASN C 126 0.57 69.13 -1.14
CA ASN C 126 -0.25 70.20 -0.58
C ASN C 126 -1.64 69.73 -0.08
N ILE C 127 -1.63 68.63 0.69
CA ILE C 127 -2.86 68.05 1.25
C ILE C 127 -2.98 68.34 2.75
N LYS C 128 -4.18 68.75 3.18
CA LYS C 128 -4.43 69.16 4.56
C LYS C 128 -4.94 68.01 5.43
N ASN C 129 -4.41 67.94 6.65
CA ASN C 129 -4.78 66.93 7.63
C ASN C 129 -6.25 67.11 8.07
N ASP C 130 -7.17 66.52 7.32
CA ASP C 130 -8.61 66.71 7.56
C ASP C 130 -9.26 65.74 8.59
N PHE C 131 -8.43 65.06 9.39
CA PHE C 131 -8.90 64.16 10.47
C PHE C 131 -9.24 64.94 11.75
N THR C 132 -10.24 64.44 12.49
CA THR C 132 -10.42 64.82 13.90
C THR C 132 -9.42 63.99 14.68
N GLU C 133 -8.93 64.50 15.80
CA GLU C 133 -7.92 63.77 16.56
C GLU C 133 -8.40 62.42 17.14
N GLU C 134 -9.72 62.16 17.12
CA GLU C 134 -10.26 60.85 17.50
C GLU C 134 -10.36 59.90 16.31
N GLU C 135 -10.64 60.45 15.14
CA GLU C 135 -10.47 59.70 13.89
C GLU C 135 -8.99 59.40 13.62
N GLU C 136 -8.11 60.36 13.92
CA GLU C 136 -6.67 60.20 13.67
C GLU C 136 -6.06 59.16 14.58
N ALA C 137 -6.48 59.15 15.85
CA ALA C 137 -6.06 58.11 16.77
C ALA C 137 -6.40 56.75 16.16
N GLN C 138 -7.56 56.66 15.51
CA GLN C 138 -8.01 55.41 14.92
C GLN C 138 -7.07 54.87 13.82
N VAL C 139 -6.78 55.69 12.81
CA VAL C 139 -5.93 55.24 11.69
C VAL C 139 -4.48 54.93 12.08
N ARG C 140 -3.96 55.55 13.13
CA ARG C 140 -2.66 55.12 13.66
C ARG C 140 -2.77 53.66 14.04
N LYS C 141 -3.86 53.29 14.73
CA LYS C 141 -4.04 51.92 15.24
C LYS C 141 -4.13 50.93 14.10
N GLU C 142 -5.07 51.16 13.21
CA GLU C 142 -5.25 50.35 12.01
C GLU C 142 -3.98 50.12 11.19
N ASN C 143 -2.97 51.00 11.33
CA ASN C 143 -1.75 50.95 10.53
C ASN C 143 -0.46 50.80 11.35
N GLN C 144 -0.58 50.45 12.62
CA GLN C 144 0.60 50.18 13.40
C GLN C 144 1.36 49.04 12.76
N TRP C 145 0.62 48.04 12.30
CA TRP C 145 1.25 46.84 11.75
C TRP C 145 2.41 47.11 10.75
N CYS C 146 2.30 48.19 9.97
CA CYS C 146 3.32 48.49 8.97
C CYS C 146 4.69 48.59 9.61
N GLU C 147 4.74 49.24 10.75
CA GLU C 147 6.01 49.47 11.44
C GLU C 147 6.69 48.24 12.10
N GLU C 148 6.19 47.02 11.87
CA GLU C 148 6.90 45.80 12.35
C GLU C 148 8.08 45.47 11.42
N LYS C 149 9.27 45.33 12.01
CA LYS C 149 10.50 45.08 11.25
C LYS C 149 11.09 43.70 11.57
N GLY D 13 -4.84 73.03 -12.90
CA GLY D 13 -5.38 73.34 -11.54
C GLY D 13 -5.43 72.17 -10.56
N ARG D 14 -5.73 70.98 -11.07
CA ARG D 14 -6.10 69.84 -10.20
C ARG D 14 -4.95 69.38 -9.33
N SER D 15 -5.29 68.74 -8.21
CA SER D 15 -4.32 68.13 -7.30
C SER D 15 -4.55 66.62 -7.21
N LEU D 16 -3.62 65.93 -6.53
CA LEU D 16 -3.75 64.49 -6.29
C LEU D 16 -5.01 64.15 -5.50
N LEU D 17 -5.48 65.10 -4.68
CA LEU D 17 -6.71 64.89 -3.92
C LEU D 17 -7.96 64.87 -4.79
N GLU D 18 -7.95 65.62 -5.91
CA GLU D 18 -9.13 65.85 -6.75
C GLU D 18 -9.39 64.82 -7.88
N LEU D 19 -8.61 63.75 -7.97
CA LEU D 19 -8.79 62.76 -9.04
C LEU D 19 -9.96 61.80 -8.75
N PRO D 20 -10.56 61.23 -9.82
CA PRO D 20 -11.58 60.18 -9.65
C PRO D 20 -11.09 59.02 -8.77
N PRO D 21 -11.99 58.45 -7.95
CA PRO D 21 -11.62 57.32 -7.09
C PRO D 21 -11.03 56.14 -7.85
N GLU D 22 -11.61 55.77 -8.99
CA GLU D 22 -11.11 54.62 -9.76
C GLU D 22 -9.66 54.82 -10.13
N LEU D 23 -9.31 56.06 -10.50
CA LEU D 23 -7.99 56.38 -11.00
C LEU D 23 -6.96 56.38 -9.88
N LEU D 24 -7.40 56.74 -8.68
CA LEU D 24 -6.59 56.59 -7.48
C LEU D 24 -6.37 55.10 -7.15
N VAL D 25 -7.42 54.32 -7.32
CA VAL D 25 -7.32 52.88 -7.10
C VAL D 25 -6.30 52.29 -8.06
N GLU D 26 -6.31 52.68 -9.34
CA GLU D 26 -5.31 52.15 -10.27
C GLU D 26 -3.92 52.53 -9.76
N ILE D 27 -3.76 53.77 -9.33
CA ILE D 27 -2.48 54.21 -8.79
C ILE D 27 -2.07 53.50 -7.49
N PHE D 28 -2.95 53.46 -6.49
CA PHE D 28 -2.56 52.86 -5.20
C PHE D 28 -2.33 51.35 -5.34
N ALA D 29 -3.07 50.73 -6.27
CA ALA D 29 -2.88 49.30 -6.51
C ALA D 29 -1.48 48.99 -7.02
N SER D 30 -0.84 49.96 -7.67
CA SER D 30 0.50 49.78 -8.22
C SER D 30 1.61 49.99 -7.20
N LEU D 31 1.26 50.29 -5.95
CA LEU D 31 2.27 50.52 -4.91
C LEU D 31 2.52 49.29 -4.05
N PRO D 32 3.73 49.19 -3.45
CA PRO D 32 3.88 48.13 -2.46
C PRO D 32 2.85 48.31 -1.36
N GLY D 33 2.47 47.22 -0.72
CA GLY D 33 1.63 47.30 0.46
C GLY D 33 2.30 48.01 1.61
N THR D 34 3.62 48.05 1.62
CA THR D 34 4.37 48.74 2.68
C THR D 34 4.12 50.25 2.64
N ASP D 35 3.87 50.80 1.44
CA ASP D 35 3.62 52.23 1.25
C ASP D 35 2.14 52.64 1.43
N LEU D 36 1.22 51.69 1.54
CA LEU D 36 -0.21 52.03 1.69
C LEU D 36 -0.59 52.52 3.08
N PRO D 37 0.08 52.01 4.12
CA PRO D 37 -0.17 52.53 5.45
C PRO D 37 0.07 54.03 5.61
N SER D 38 1.17 54.58 5.07
CA SER D 38 1.38 56.04 5.12
C SER D 38 0.27 56.77 4.39
N LEU D 39 -0.09 56.27 3.21
CA LEU D 39 -1.16 56.85 2.40
C LEU D 39 -2.52 56.87 3.10
N ALA D 40 -2.81 55.81 3.87
CA ALA D 40 -4.06 55.73 4.61
C ALA D 40 -4.18 56.86 5.64
N GLN D 41 -3.05 57.18 6.28
CA GLN D 41 -2.98 58.24 7.33
C GLN D 41 -2.90 59.69 6.81
N VAL D 42 -2.86 59.88 5.49
CA VAL D 42 -2.80 61.22 4.93
C VAL D 42 -4.12 61.97 5.14
N CYS D 43 -5.26 61.35 4.85
CA CYS D 43 -6.57 62.04 4.99
C CYS D 43 -7.79 61.13 5.09
N THR D 44 -8.94 61.74 5.37
CA THR D 44 -10.25 61.08 5.27
C THR D 44 -10.38 60.30 3.98
N LYS D 45 -10.34 61.01 2.85
CA LYS D 45 -10.63 60.42 1.55
C LYS D 45 -9.76 59.17 1.38
N PHE D 46 -8.45 59.36 1.45
CA PHE D 46 -7.48 58.29 1.18
C PHE D 46 -7.77 57.02 2.00
N ARG D 47 -8.02 57.20 3.30
CA ARG D 47 -8.35 56.09 4.20
C ARG D 47 -9.51 55.28 3.67
N ARG D 48 -10.60 55.98 3.35
CA ARG D 48 -11.81 55.34 2.83
C ARG D 48 -11.48 54.54 1.57
N ILE D 49 -10.75 55.17 0.67
CA ILE D 49 -10.36 54.57 -0.60
C ILE D 49 -9.52 53.33 -0.39
N LEU D 50 -8.60 53.41 0.55
CA LEU D 50 -7.74 52.27 0.87
C LEU D 50 -8.47 51.18 1.65
N HIS D 51 -9.75 51.36 1.92
CA HIS D 51 -10.51 50.25 2.46
C HIS D 51 -10.76 49.20 1.38
N THR D 52 -10.73 49.64 0.13
CA THR D 52 -11.10 48.81 -1.03
C THR D 52 -10.21 47.60 -1.24
N ASP D 53 -10.84 46.44 -1.37
CA ASP D 53 -10.13 45.17 -1.22
C ASP D 53 -9.45 44.66 -2.49
N THR D 54 -9.96 45.02 -3.66
CA THR D 54 -9.23 44.73 -4.88
C THR D 54 -7.76 45.19 -4.75
N ILE D 55 -7.54 46.29 -4.03
CA ILE D 55 -6.20 46.83 -3.90
C ILE D 55 -5.33 45.86 -3.13
N TRP D 56 -5.84 45.39 -1.99
CA TRP D 56 -5.09 44.47 -1.13
C TRP D 56 -5.04 43.08 -1.73
N ARG D 57 -6.06 42.71 -2.50
CA ARG D 57 -6.07 41.42 -3.17
C ARG D 57 -4.90 41.38 -4.12
N ARG D 58 -4.66 42.50 -4.78
CA ARG D 58 -3.60 42.58 -5.76
C ARG D 58 -2.23 42.56 -5.12
N ARG D 59 -2.10 43.18 -3.95
CA ARG D 59 -0.81 43.24 -3.25
C ARG D 59 -0.41 41.86 -2.73
N CYS D 60 -1.36 41.12 -2.13
CA CYS D 60 -1.16 39.72 -1.76
C CYS D 60 -0.70 38.86 -2.94
N ARG D 61 -1.30 39.08 -4.12
CA ARG D 61 -0.90 38.30 -5.27
C ARG D 61 0.50 38.66 -5.73
N GLU D 62 0.76 39.94 -5.98
CA GLU D 62 2.04 40.36 -6.60
C GLU D 62 3.23 40.18 -5.66
N GLU D 63 3.02 40.37 -4.37
CA GLU D 63 4.12 40.39 -3.45
C GLU D 63 4.38 39.05 -2.80
N TYR D 64 3.33 38.29 -2.53
CA TYR D 64 3.45 37.03 -1.79
C TYR D 64 3.03 35.82 -2.62
N GLY D 65 2.58 36.04 -3.83
CA GLY D 65 2.14 34.93 -4.68
C GLY D 65 0.84 34.25 -4.27
N VAL D 66 0.03 34.90 -3.45
CA VAL D 66 -1.14 34.22 -2.91
C VAL D 66 -2.39 34.86 -3.44
N CYS D 67 -3.28 34.02 -3.96
N CYS D 67 -3.34 34.00 -3.81
CA CYS D 67 -4.61 34.46 -4.32
CA CYS D 67 -4.61 34.40 -4.43
C CYS D 67 -5.54 33.91 -3.26
C CYS D 67 -5.79 33.81 -3.65
N GLU D 68 -6.59 34.65 -2.98
CA GLU D 68 -7.63 34.18 -2.04
C GLU D 68 -9.00 34.09 -2.72
N ASN D 69 -9.52 32.88 -2.87
CA ASN D 69 -10.89 32.65 -3.28
C ASN D 69 -11.86 33.56 -2.54
N LEU D 70 -12.80 34.13 -3.27
CA LEU D 70 -13.64 35.19 -2.73
C LEU D 70 -14.77 34.68 -1.85
N ARG D 71 -15.20 33.45 -2.10
CA ARG D 71 -16.19 32.80 -1.26
C ARG D 71 -15.62 32.51 0.14
N LYS D 72 -14.54 31.74 0.23
CA LYS D 72 -13.83 31.54 1.47
C LYS D 72 -13.78 32.84 2.28
N LEU D 73 -13.42 33.93 1.61
CA LEU D 73 -13.37 35.26 2.26
C LEU D 73 -14.70 35.79 2.76
N GLU D 74 -15.78 35.49 2.04
CA GLU D 74 -17.10 35.95 2.44
C GLU D 74 -17.54 35.19 3.68
N ILE D 75 -17.34 33.87 3.63
CA ILE D 75 -17.70 32.99 4.72
C ILE D 75 -16.92 33.30 6.00
N THR D 76 -15.60 33.36 5.88
CA THR D 76 -14.76 33.51 7.06
C THR D 76 -14.88 34.91 7.66
N GLY D 77 -15.24 35.87 6.83
CA GLY D 77 -15.29 37.25 7.28
C GLY D 77 -13.93 37.91 7.25
N VAL D 78 -12.96 37.28 6.58
CA VAL D 78 -11.63 37.84 6.50
C VAL D 78 -11.44 38.50 5.13
N SER D 79 -10.82 39.68 5.13
CA SER D 79 -10.58 40.47 3.93
C SER D 79 -9.15 40.25 3.50
N CYS D 80 -8.82 40.66 2.28
CA CYS D 80 -7.42 40.73 1.87
C CYS D 80 -6.60 41.77 2.64
N ARG D 81 -7.25 42.80 3.17
CA ARG D 81 -6.53 43.77 3.96
C ARG D 81 -6.00 43.03 5.17
N ASP D 82 -6.90 42.32 5.85
CA ASP D 82 -6.52 41.54 7.02
C ASP D 82 -5.32 40.65 6.67
N VAL D 83 -5.49 39.87 5.62
CA VAL D 83 -4.50 38.89 5.25
C VAL D 83 -3.13 39.55 5.12
N TYR D 84 -3.06 40.65 4.39
CA TYR D 84 -1.77 41.26 4.13
C TYR D 84 -1.17 41.69 5.44
N ALA D 85 -1.98 42.28 6.31
CA ALA D 85 -1.46 42.92 7.53
C ALA D 85 -1.13 41.94 8.65
N LYS D 86 -2.01 40.95 8.81
CA LYS D 86 -2.03 40.03 9.93
C LYS D 86 -1.37 38.65 9.68
N LEU D 87 -1.38 38.17 8.44
CA LEU D 87 -0.63 36.98 8.05
C LEU D 87 0.64 37.36 7.34
N LEU D 88 0.49 37.89 6.14
CA LEU D 88 1.62 37.96 5.22
C LEU D 88 2.74 38.86 5.75
N HIS D 89 2.44 40.13 5.97
CA HIS D 89 3.44 41.05 6.49
C HIS D 89 4.00 40.65 7.85
N ARG D 90 3.12 40.28 8.78
CA ARG D 90 3.53 39.93 10.14
C ARG D 90 4.52 38.79 10.17
N TYR D 91 4.32 37.82 9.30
CA TYR D 91 5.16 36.66 9.27
C TYR D 91 6.00 36.60 7.99
N ARG D 92 6.09 37.70 7.26
CA ARG D 92 6.92 37.66 6.06
C ARG D 92 8.28 37.01 6.30
N HIS D 93 8.91 37.29 7.45
CA HIS D 93 10.30 36.87 7.66
C HIS D 93 10.50 35.38 7.90
N ILE D 94 9.41 34.62 8.10
CA ILE D 94 9.56 33.15 8.26
C ILE D 94 9.22 32.34 7.03
N LEU D 95 8.70 32.98 5.99
CA LEU D 95 8.41 32.25 4.74
C LEU D 95 9.72 31.87 4.08
N GLY D 96 9.75 30.70 3.49
CA GLY D 96 10.96 30.27 2.83
C GLY D 96 11.38 28.84 3.10
N LEU D 97 12.68 28.61 2.91
CA LEU D 97 13.27 27.30 3.04
C LEU D 97 14.24 27.33 4.18
N TRP D 98 14.21 26.29 5.00
CA TRP D 98 14.86 26.33 6.29
C TRP D 98 15.48 24.99 6.67
N GLN D 99 16.55 25.09 7.47
CA GLN D 99 17.23 23.94 8.03
C GLN D 99 17.24 24.08 9.55
N PRO D 100 16.63 23.12 10.25
CA PRO D 100 16.64 23.20 11.67
C PRO D 100 18.02 22.94 12.25
N ASP D 101 18.33 23.58 13.37
CA ASP D 101 19.56 23.39 14.13
C ASP D 101 19.35 22.27 15.15
N ILE D 102 19.79 21.07 14.78
CA ILE D 102 19.51 19.89 15.55
C ILE D 102 20.82 19.12 15.61
N GLY D 103 21.77 19.62 16.37
CA GLY D 103 23.05 18.97 16.42
C GLY D 103 23.54 18.71 15.00
N PRO D 104 24.00 17.47 14.70
CA PRO D 104 24.56 17.21 13.39
C PRO D 104 23.52 16.76 12.36
N TYR D 105 22.28 16.65 12.77
CA TYR D 105 21.31 15.94 11.98
C TYR D 105 20.64 16.79 10.89
N GLY D 106 20.45 18.08 11.15
CA GLY D 106 19.77 18.97 10.20
C GLY D 106 18.32 18.61 9.89
N GLY D 107 17.92 18.84 8.66
CA GLY D 107 16.53 18.67 8.27
C GLY D 107 16.10 19.72 7.28
N LEU D 108 14.81 19.70 6.93
CA LEU D 108 14.29 20.47 5.84
C LEU D 108 12.87 20.94 6.10
N LEU D 109 12.70 22.25 6.18
CA LEU D 109 11.39 22.79 6.46
C LEU D 109 11.09 23.84 5.42
N ASN D 110 9.88 23.83 4.90
CA ASN D 110 9.45 24.83 3.93
C ASN D 110 8.18 25.49 4.45
N VAL D 111 8.25 26.80 4.70
CA VAL D 111 7.11 27.56 5.21
C VAL D 111 6.44 28.29 4.07
N VAL D 112 5.12 28.27 4.09
CA VAL D 112 4.35 28.32 2.88
C VAL D 112 2.99 28.88 3.19
N VAL D 113 2.35 29.54 2.20
CA VAL D 113 0.97 30.00 2.35
C VAL D 113 -0.05 29.09 1.66
N ASP D 114 -1.18 28.91 2.32
CA ASP D 114 -2.31 28.19 1.76
C ASP D 114 -3.64 28.82 2.24
N GLY D 115 -4.06 29.83 1.49
CA GLY D 115 -5.33 30.48 1.72
C GLY D 115 -5.11 31.31 2.94
N LEU D 116 -5.81 30.96 4.02
CA LEU D 116 -5.76 31.73 5.25
C LEU D 116 -4.74 31.15 6.27
N PHE D 117 -4.02 30.11 5.87
CA PHE D 117 -3.00 29.51 6.74
C PHE D 117 -1.59 29.87 6.34
N ILE D 118 -0.68 29.66 7.26
CA ILE D 118 0.73 29.54 6.94
C ILE D 118 1.18 28.23 7.58
N ILE D 119 2.02 27.49 6.90
CA ILE D 119 2.31 26.13 7.30
C ILE D 119 3.79 25.81 7.16
N GLY D 120 4.37 25.32 8.25
CA GLY D 120 5.71 24.79 8.26
C GLY D 120 5.60 23.32 7.86
N TRP D 121 6.00 23.00 6.64
CA TRP D 121 6.04 21.62 6.23
C TRP D 121 7.43 21.07 6.47
N MET D 122 7.51 20.01 7.27
N MET D 122 7.54 20.01 7.27
CA MET D 122 8.78 19.31 7.48
CA MET D 122 8.84 19.39 7.44
C MET D 122 8.87 18.26 6.38
C MET D 122 8.93 18.23 6.47
N TYR D 123 10.01 18.20 5.69
CA TYR D 123 10.21 17.16 4.69
C TYR D 123 11.22 16.17 5.22
N LEU D 124 10.93 14.89 5.03
CA LEU D 124 11.77 13.80 5.47
C LEU D 124 11.99 12.83 4.32
N PRO D 125 13.17 12.17 4.29
CA PRO D 125 13.45 11.24 3.24
C PRO D 125 12.71 9.93 3.41
N PRO D 126 12.50 9.19 2.31
CA PRO D 126 11.79 7.92 2.36
C PRO D 126 12.60 6.89 3.14
N HIS D 127 12.08 5.68 3.32
CA HIS D 127 12.82 4.68 4.11
C HIS D 127 14.08 4.26 3.36
N ASP D 128 15.12 3.92 4.12
CA ASP D 128 16.39 3.41 3.58
C ASP D 128 16.10 2.05 2.98
N PRO D 129 16.64 1.74 1.79
CA PRO D 129 17.50 2.52 0.90
C PRO D 129 16.75 3.16 -0.28
N HIS D 130 15.42 3.17 -0.23
CA HIS D 130 14.59 3.52 -1.38
C HIS D 130 14.65 5.00 -1.82
N VAL D 131 15.85 5.39 -2.26
CA VAL D 131 16.17 6.76 -2.65
C VAL D 131 15.32 7.35 -3.78
N ASP D 132 14.63 6.50 -4.53
CA ASP D 132 13.73 6.93 -5.60
C ASP D 132 12.34 7.28 -5.09
N ASP D 133 11.96 6.74 -3.94
CA ASP D 133 10.63 7.00 -3.34
C ASP D 133 10.48 8.48 -2.95
N PRO D 134 9.24 8.99 -2.96
CA PRO D 134 9.07 10.42 -2.69
C PRO D 134 9.33 10.74 -1.23
N MET D 135 9.66 12.00 -0.99
CA MET D 135 9.81 12.52 0.35
C MET D 135 8.51 12.31 1.11
N ARG D 136 8.66 11.96 2.38
CA ARG D 136 7.55 12.06 3.35
C ARG D 136 7.42 13.50 3.81
N PHE D 137 6.24 13.89 4.26
CA PHE D 137 6.06 15.24 4.76
C PHE D 137 4.98 15.31 5.82
N LYS D 138 5.12 16.30 6.69
CA LYS D 138 4.18 16.52 7.76
C LYS D 138 4.28 17.95 8.22
N PRO D 139 3.17 18.48 8.69
CA PRO D 139 3.21 19.81 9.25
C PRO D 139 3.76 19.82 10.68
N LEU D 140 4.55 20.84 11.01
CA LEU D 140 5.03 21.08 12.37
C LEU D 140 4.39 22.25 13.06
N PHE D 141 3.90 23.24 12.32
CA PHE D 141 3.08 24.27 12.94
C PHE D 141 2.24 24.88 11.85
N ARG D 142 1.36 25.78 12.25
CA ARG D 142 0.53 26.46 11.33
C ARG D 142 -0.05 27.69 11.97
N ILE D 143 -0.09 28.77 11.17
CA ILE D 143 -0.58 30.06 11.60
C ILE D 143 -1.87 30.22 10.85
N HIS D 144 -2.93 30.74 11.46
CA HIS D 144 -4.26 30.84 10.82
C HIS D 144 -4.98 32.08 11.27
N LEU D 145 -5.67 32.72 10.31
CA LEU D 145 -6.30 34.03 10.50
C LEU D 145 -7.82 33.92 10.46
N MET D 146 -8.46 34.58 11.42
CA MET D 146 -9.91 34.61 11.48
C MET D 146 -10.43 36.04 11.60
N GLU D 147 -11.73 36.21 11.41
CA GLU D 147 -12.23 37.56 11.49
C GLU D 147 -12.09 38.09 12.92
N ARG D 148 -11.75 39.39 12.98
CA ARG D 148 -11.66 40.21 14.21
C ARG D 148 -10.65 39.77 15.25
N LYS D 149 -9.60 39.09 14.83
CA LYS D 149 -8.57 38.68 15.77
C LYS D 149 -7.23 38.38 15.08
N ALA D 150 -6.15 38.54 15.84
CA ALA D 150 -4.83 38.19 15.35
C ALA D 150 -4.79 36.72 14.91
N ALA D 151 -3.78 36.38 14.14
CA ALA D 151 -3.69 35.03 13.66
C ALA D 151 -3.17 34.17 14.82
N THR D 152 -3.68 32.95 14.89
CA THR D 152 -3.34 32.00 15.91
C THR D 152 -2.29 31.02 15.42
N VAL D 153 -1.24 30.89 16.22
CA VAL D 153 -0.18 29.94 16.03
C VAL D 153 -0.44 28.64 16.76
N GLU D 154 -0.27 27.53 16.06
CA GLU D 154 -0.40 26.23 16.68
C GLU D 154 0.78 25.31 16.37
N CYS D 155 1.21 24.56 17.37
CA CYS D 155 2.19 23.47 17.21
C CYS D 155 1.38 22.28 16.76
N MET D 156 1.89 21.53 15.80
CA MET D 156 1.14 20.45 15.14
C MET D 156 1.74 19.10 15.41
N TYR D 157 2.68 19.06 16.35
CA TYR D 157 3.44 17.87 16.63
C TYR D 157 2.66 16.97 17.54
N GLY D 158 2.96 15.68 17.43
CA GLY D 158 2.30 14.68 18.24
C GLY D 158 1.03 14.20 17.59
N HIS D 159 0.26 13.41 18.33
CA HIS D 159 -0.97 12.82 17.82
C HIS D 159 -2.15 13.16 18.70
N LYS D 160 -2.21 14.40 19.17
CA LYS D 160 -3.39 14.81 19.92
C LYS D 160 -3.93 16.08 19.31
N GLY D 161 -3.64 16.27 18.03
CA GLY D 161 -4.10 17.42 17.29
C GLY D 161 -3.35 18.71 17.52
N PRO D 162 -3.72 19.74 16.77
CA PRO D 162 -3.16 21.07 16.98
C PRO D 162 -3.36 21.54 18.39
N HIS D 163 -2.44 22.39 18.85
CA HIS D 163 -2.56 23.04 20.16
C HIS D 163 -1.72 24.30 20.17
N HIS D 164 -1.97 25.19 21.11
CA HIS D 164 -1.35 26.52 21.10
C HIS D 164 0.13 26.34 21.04
N GLY D 165 0.78 27.10 20.16
CA GLY D 165 2.24 27.12 20.06
C GLY D 165 2.72 28.57 19.92
N HIS D 166 3.98 28.73 19.55
CA HIS D 166 4.65 30.01 19.46
C HIS D 166 5.66 30.06 18.33
N ILE D 167 5.91 31.29 17.89
CA ILE D 167 6.86 31.61 16.82
C ILE D 167 7.66 32.76 17.32
N GLN D 168 8.97 32.70 17.22
CA GLN D 168 9.79 33.83 17.54
C GLN D 168 10.66 34.10 16.34
N ILE D 169 10.55 35.32 15.82
CA ILE D 169 11.41 35.79 14.75
C ILE D 169 12.58 36.52 15.40
N VAL D 170 13.79 36.27 14.92
CA VAL D 170 15.02 36.76 15.55
C VAL D 170 15.86 37.66 14.65
N LYS D 171 16.10 37.19 13.42
CA LYS D 171 16.75 37.93 12.34
C LYS D 171 15.92 37.71 11.06
N LYS D 172 16.32 38.36 9.96
CA LYS D 172 15.71 38.08 8.67
C LYS D 172 15.94 36.60 8.38
N ASP D 173 17.06 36.07 8.88
CA ASP D 173 17.55 34.76 8.45
C ASP D 173 17.34 33.64 9.45
N GLU D 174 16.50 33.85 10.45
CA GLU D 174 16.34 32.83 11.49
C GLU D 174 15.10 33.04 12.36
N PHE D 175 14.37 31.96 12.62
CA PHE D 175 13.28 31.98 13.57
C PHE D 175 13.22 30.70 14.41
N SER D 176 12.32 30.65 15.38
CA SER D 176 12.15 29.44 16.17
C SER D 176 10.72 29.18 16.59
N THR D 177 10.45 27.92 16.91
CA THR D 177 9.15 27.49 17.40
C THR D 177 9.28 27.04 18.83
N LYS D 178 8.22 27.25 19.60
CA LYS D 178 8.23 26.81 20.96
C LYS D 178 6.81 26.37 21.32
N CYS D 179 6.73 25.23 21.96
CA CYS D 179 5.51 24.69 22.49
C CYS D 179 5.64 24.49 24.04
N ASN D 180 4.78 25.13 24.81
CA ASN D 180 4.72 24.94 26.23
C ASN D 180 3.55 24.05 26.57
N GLN D 181 3.09 23.20 25.64
CA GLN D 181 2.07 22.20 25.98
C GLN D 181 2.50 20.83 25.43
N THR D 182 3.70 20.39 25.83
CA THR D 182 4.32 19.23 25.21
C THR D 182 3.68 17.94 25.64
N ASP D 183 2.79 18.00 26.61
CA ASP D 183 2.01 16.80 26.94
C ASP D 183 1.33 16.26 25.70
N HIS D 184 1.01 17.14 24.75
CA HIS D 184 0.39 16.72 23.48
C HIS D 184 1.24 15.73 22.67
N HIS D 185 2.55 15.75 22.89
CA HIS D 185 3.47 14.88 22.16
C HIS D 185 3.63 13.51 22.75
N ARG D 186 3.26 13.38 24.03
CA ARG D 186 3.45 12.12 24.75
C ARG D 186 2.32 11.22 24.34
N MET D 187 2.62 9.93 24.21
CA MET D 187 1.64 8.93 23.92
C MET D 187 1.38 8.09 25.16
N SER D 188 0.30 7.34 25.08
CA SER D 188 -0.23 6.55 26.16
C SER D 188 0.70 5.39 26.50
N GLY D 189 1.29 4.77 25.48
CA GLY D 189 2.23 3.69 25.69
C GLY D 189 3.63 4.16 26.08
N GLY D 190 3.77 5.43 26.47
CA GLY D 190 5.06 5.95 26.91
C GLY D 190 6.08 6.16 25.80
N ARG D 191 7.28 6.53 26.21
CA ARG D 191 8.35 6.79 25.27
C ARG D 191 8.68 5.61 24.38
N GLN D 192 8.43 4.39 24.84
CA GLN D 192 8.65 3.24 23.98
C GLN D 192 7.70 3.27 22.78
N GLU D 193 6.45 3.63 23.02
CA GLU D 193 5.51 3.73 21.91
C GLU D 193 5.97 4.82 20.94
N GLU D 194 6.41 5.95 21.48
CA GLU D 194 6.90 7.03 20.63
C GLU D 194 8.01 6.55 19.72
N PHE D 195 8.90 5.73 20.28
CA PHE D 195 10.03 5.23 19.54
C PHE D 195 9.60 4.31 18.43
N ARG D 196 8.82 3.30 18.79
CA ARG D 196 8.31 2.35 17.80
C ARG D 196 7.59 3.08 16.67
N THR D 197 6.81 4.09 17.03
CA THR D 197 6.10 4.89 16.05
C THR D 197 7.04 5.64 15.11
N TRP D 198 8.07 6.21 15.69
CA TRP D 198 9.09 6.96 14.95
C TRP D 198 9.83 5.98 14.03
N LEU D 199 10.26 4.85 14.58
CA LEU D 199 10.85 3.81 13.74
C LEU D 199 9.96 3.46 12.53
N ARG D 200 8.68 3.30 12.77
CA ARG D 200 7.82 2.88 11.69
C ARG D 200 7.93 3.90 10.59
N GLU D 201 7.78 5.16 10.96
CA GLU D 201 7.76 6.23 10.01
C GLU D 201 9.10 6.38 9.30
N GLU D 202 10.20 6.32 10.06
CA GLU D 202 11.52 6.68 9.50
C GLU D 202 12.26 5.52 8.81
N TRP D 203 11.96 4.31 9.24
CA TRP D 203 12.63 3.11 8.74
C TRP D 203 11.71 2.01 8.21
N GLY D 204 10.48 1.93 8.70
CA GLY D 204 9.57 0.91 8.23
C GLY D 204 10.01 -0.47 8.66
N ARG D 205 10.92 -0.57 9.64
CA ARG D 205 11.46 -1.86 10.09
C ARG D 205 11.47 -1.87 11.61
N THR D 206 11.20 -3.00 12.22
CA THR D 206 11.41 -3.16 13.68
C THR D 206 12.92 -3.08 13.92
N LEU D 207 13.34 -2.72 15.13
CA LEU D 207 14.79 -2.68 15.47
C LEU D 207 15.53 -4.00 15.23
N GLU D 208 14.96 -5.11 15.75
CA GLU D 208 15.53 -6.45 15.60
C GLU D 208 15.83 -6.70 14.15
N ASP D 209 14.88 -6.36 13.28
CA ASP D 209 15.02 -6.62 11.85
C ASP D 209 16.03 -5.71 11.15
N ILE D 210 16.45 -4.62 11.77
CA ILE D 210 17.61 -3.90 11.23
C ILE D 210 18.79 -4.74 11.72
N PHE D 211 19.64 -5.11 10.79
CA PHE D 211 20.43 -6.28 10.98
C PHE D 211 21.71 -5.94 11.73
N HIS D 212 22.32 -4.82 11.35
CA HIS D 212 23.59 -4.43 11.94
C HIS D 212 23.41 -3.71 13.26
N GLU D 213 24.10 -4.16 14.30
CA GLU D 213 23.93 -3.58 15.62
C GLU D 213 24.42 -2.12 15.69
N HIS D 214 25.56 -1.84 15.10
CA HIS D 214 26.03 -0.48 15.01
C HIS D 214 24.89 0.39 14.52
N MET D 215 24.27 -0.05 13.45
CA MET D 215 23.29 0.77 12.78
C MET D 215 22.07 0.95 13.69
N GLN D 216 21.74 -0.07 14.46
CA GLN D 216 20.68 0.07 15.45
C GLN D 216 21.09 0.96 16.64
N GLU D 217 22.38 1.07 16.89
CA GLU D 217 22.83 2.02 17.88
C GLU D 217 22.68 3.45 17.41
N LEU D 218 23.09 3.72 16.18
CA LEU D 218 22.99 5.06 15.61
C LEU D 218 21.56 5.58 15.56
N ILE D 219 20.64 4.69 15.24
CA ILE D 219 19.22 5.03 15.16
C ILE D 219 18.70 5.43 16.52
N LEU D 220 18.88 4.56 17.50
CA LEU D 220 18.50 4.87 18.86
C LEU D 220 19.00 6.22 19.30
N MET D 221 20.24 6.53 18.95
CA MET D 221 20.84 7.74 19.43
C MET D 221 20.23 8.92 18.72
N LYS D 222 19.94 8.76 17.44
CA LYS D 222 19.31 9.83 16.72
C LYS D 222 17.93 10.14 17.32
N PHE D 223 17.16 9.10 17.57
CA PHE D 223 15.84 9.28 18.12
C PHE D 223 15.92 10.06 19.40
N ILE D 224 16.77 9.60 20.29
CA ILE D 224 16.87 10.19 21.58
C ILE D 224 17.26 11.63 21.46
N TYR D 225 18.29 11.93 20.65
CA TYR D 225 18.83 13.29 20.52
C TYR D 225 17.80 14.26 19.88
N THR D 226 17.26 13.87 18.74
CA THR D 226 16.27 14.68 18.06
C THR D 226 15.00 14.88 18.90
N SER D 227 14.53 13.82 19.50
CA SER D 227 13.33 13.95 20.27
C SER D 227 13.52 14.80 21.55
N GLN D 228 14.74 15.06 22.02
CA GLN D 228 14.90 15.98 23.14
C GLN D 228 14.49 17.40 22.78
N TYR D 229 14.43 17.75 21.50
CA TYR D 229 14.05 19.11 21.15
C TYR D 229 12.52 19.31 21.25
N ASP D 230 11.77 18.23 21.27
CA ASP D 230 10.33 18.32 21.53
C ASP D 230 9.66 19.49 20.78
N ASN D 231 9.98 19.58 19.48
CA ASN D 231 9.58 20.66 18.55
C ASN D 231 9.82 22.13 18.94
N CYS D 232 10.76 22.34 19.86
CA CYS D 232 11.29 23.65 20.22
C CYS D 232 12.61 23.75 19.51
N LEU D 233 12.54 24.37 18.34
CA LEU D 233 13.57 24.29 17.34
C LEU D 233 13.91 25.68 16.81
N THR D 234 15.15 25.86 16.41
CA THR D 234 15.60 27.05 15.74
C THR D 234 15.95 26.66 14.31
N TYR D 235 15.52 27.48 13.38
CA TYR D 235 15.59 27.16 11.97
C TYR D 235 16.45 28.23 11.37
N ARG D 236 17.35 27.85 10.46
CA ARG D 236 18.21 28.83 9.78
C ARG D 236 17.88 28.80 8.31
N ARG D 237 17.84 29.98 7.69
CA ARG D 237 17.46 30.05 6.30
C ARG D 237 18.44 29.30 5.42
N ILE D 238 17.90 28.62 4.43
CA ILE D 238 18.68 28.12 3.34
C ILE D 238 17.94 28.47 2.06
N TYR D 239 18.63 28.27 0.93
CA TYR D 239 18.13 28.63 -0.40
C TYR D 239 18.34 27.46 -1.39
N LEU D 240 17.50 27.39 -2.41
CA LEU D 240 17.78 26.49 -3.52
C LEU D 240 18.85 27.10 -4.44
N PRO D 241 19.66 26.23 -5.07
CA PRO D 241 20.75 26.74 -5.90
C PRO D 241 20.27 27.43 -7.18
N PRO D 242 21.08 28.35 -7.71
CA PRO D 242 20.73 29.04 -8.95
C PRO D 242 20.82 28.15 -10.21
N SER D 243 19.87 28.34 -11.11
CA SER D 243 19.92 27.72 -12.44
C SER D 243 20.92 28.43 -13.34
N ARG D 244 21.21 27.80 -14.46
CA ARG D 244 22.23 28.29 -15.38
C ARG D 244 22.16 27.45 -16.66
N PRO D 245 22.12 28.13 -17.80
CA PRO D 245 21.91 27.40 -19.04
C PRO D 245 23.06 26.44 -19.34
N ASP D 246 24.27 26.97 -19.39
CA ASP D 246 25.41 26.25 -19.96
C ASP D 246 26.10 25.47 -18.85
N ASP D 247 26.79 26.18 -17.97
CA ASP D 247 27.68 25.53 -17.03
C ASP D 247 26.86 24.85 -15.93
N LEU D 248 26.03 23.90 -16.37
CA LEU D 248 25.01 23.33 -15.53
C LEU D 248 24.47 22.01 -16.06
N ILE D 249 24.31 21.06 -15.15
CA ILE D 249 23.60 19.82 -15.40
C ILE D 249 22.54 19.56 -14.27
N LYS D 250 22.09 20.66 -13.65
CA LYS D 250 20.73 20.83 -13.08
C LYS D 250 20.56 20.72 -11.53
N PRO D 251 20.59 21.85 -10.82
CA PRO D 251 20.79 21.80 -9.41
C PRO D 251 19.50 21.59 -8.61
N GLY D 252 19.66 21.15 -7.36
CA GLY D 252 18.55 20.97 -6.44
C GLY D 252 18.87 19.94 -5.38
N LEU D 253 17.84 19.43 -4.73
CA LEU D 253 17.99 18.51 -3.62
C LEU D 253 17.93 17.08 -4.08
N PHE D 254 18.79 16.25 -3.50
CA PHE D 254 18.79 14.82 -3.77
C PHE D 254 18.68 14.00 -2.48
N LYS D 255 17.98 12.88 -2.61
CA LYS D 255 17.92 11.91 -1.56
C LYS D 255 19.13 11.05 -1.87
N GLY D 256 19.89 10.62 -0.87
CA GLY D 256 21.12 9.87 -1.13
C GLY D 256 21.50 8.94 -0.02
N THR D 257 22.08 7.79 -0.36
CA THR D 257 22.37 6.74 0.63
C THR D 257 23.74 6.94 1.31
N TYR D 258 23.73 6.96 2.63
CA TYR D 258 24.94 7.20 3.43
C TYR D 258 25.15 6.06 4.42
N GLY D 259 25.17 4.83 3.91
CA GLY D 259 25.51 3.65 4.69
C GLY D 259 24.64 3.40 5.92
N SER D 260 25.30 3.08 7.03
CA SER D 260 24.64 2.76 8.29
C SER D 260 23.83 3.93 8.80
N HIS D 261 24.13 5.14 8.32
CA HIS D 261 23.35 6.33 8.69
C HIS D 261 21.99 6.39 8.02
N GLY D 262 21.77 5.61 6.97
CA GLY D 262 20.50 5.72 6.26
C GLY D 262 20.61 6.80 5.20
N LEU D 263 19.48 7.15 4.60
CA LEU D 263 19.42 8.22 3.63
C LEU D 263 19.72 9.56 4.30
N GLU D 264 20.34 10.43 3.51
CA GLU D 264 20.56 11.79 3.84
C GLU D 264 20.23 12.64 2.62
N ILE D 265 19.82 13.87 2.89
CA ILE D 265 19.43 14.81 1.87
C ILE D 265 20.61 15.69 1.57
N VAL D 266 21.00 15.70 0.30
CA VAL D 266 22.17 16.45 -0.17
C VAL D 266 21.79 17.44 -1.28
N MET D 267 22.37 18.64 -1.22
CA MET D 267 22.09 19.66 -2.18
C MET D 267 23.23 19.84 -3.14
N LEU D 268 22.90 19.62 -4.41
CA LEU D 268 23.85 19.79 -5.52
C LEU D 268 23.81 21.20 -6.06
N SER D 269 24.97 21.86 -6.08
CA SER D 269 25.04 23.23 -6.60
C SER D 269 26.34 23.46 -7.41
N PHE D 270 26.28 24.41 -8.35
CA PHE D 270 27.34 24.61 -9.35
C PHE D 270 28.13 25.88 -9.15
N HIS D 271 29.46 25.73 -9.21
CA HIS D 271 30.39 26.83 -8.99
C HIS D 271 31.54 26.75 -10.00
N GLY D 272 31.27 27.15 -11.25
CA GLY D 272 32.26 27.09 -12.33
C GLY D 272 32.50 25.67 -12.79
N ARG D 273 33.78 25.32 -13.01
CA ARG D 273 34.19 23.94 -13.32
C ARG D 273 34.26 23.09 -12.04
N ARG D 274 33.23 23.19 -11.21
CA ARG D 274 33.12 22.47 -9.93
C ARG D 274 31.66 22.30 -9.49
N ALA D 275 31.29 21.08 -9.10
CA ALA D 275 29.96 20.80 -8.53
C ALA D 275 30.07 20.50 -7.04
N ARG D 276 29.29 21.21 -6.22
CA ARG D 276 29.32 21.01 -4.78
C ARG D 276 28.06 20.27 -4.28
N GLY D 277 28.31 19.22 -3.51
CA GLY D 277 27.26 18.54 -2.74
C GLY D 277 27.34 18.95 -1.27
N THR D 278 26.24 19.50 -0.76
CA THR D 278 26.18 20.03 0.59
C THR D 278 25.10 19.34 1.39
N LYS D 279 25.42 18.95 2.62
CA LYS D 279 24.45 18.22 3.45
C LYS D 279 23.36 19.11 3.98
N ILE D 280 22.12 18.71 3.71
CA ILE D 280 20.97 19.38 4.28
C ILE D 280 20.57 18.66 5.54
N THR D 281 20.50 17.32 5.47
CA THR D 281 20.52 16.49 6.67
C THR D 281 21.83 15.75 6.70
N GLY D 282 22.28 15.41 7.90
CA GLY D 282 23.58 14.78 8.07
C GLY D 282 23.62 13.83 9.26
N ASP D 283 24.84 13.52 9.71
CA ASP D 283 25.07 12.51 10.73
C ASP D 283 26.32 12.87 11.58
N PRO D 284 26.61 12.08 12.63
CA PRO D 284 27.66 12.50 13.58
C PRO D 284 29.08 12.49 13.04
N ASN D 285 29.28 11.87 11.88
CA ASN D 285 30.59 11.86 11.23
C ASN D 285 30.72 13.10 10.38
N ILE D 286 29.85 13.25 9.39
CA ILE D 286 29.83 14.44 8.55
C ILE D 286 28.49 15.10 8.79
N PRO D 287 28.48 16.18 9.58
CA PRO D 287 27.21 16.82 9.96
C PRO D 287 26.54 17.58 8.83
N ALA D 288 25.22 17.72 8.94
CA ALA D 288 24.46 18.66 8.14
C ALA D 288 25.18 20.01 8.03
N GLY D 289 25.26 20.56 6.81
CA GLY D 289 25.86 21.89 6.56
C GLY D 289 27.25 21.85 5.94
N GLN D 290 27.81 20.66 5.85
CA GLN D 290 29.18 20.44 5.43
C GLN D 290 29.20 19.99 4.02
N GLN D 291 30.43 19.96 3.46
CA GLN D 291 30.58 19.67 2.06
C GLN D 291 30.95 18.20 1.87
N THR D 292 29.93 17.36 1.71
CA THR D 292 30.15 15.93 1.55
C THR D 292 30.83 15.56 0.25
N VAL D 293 30.66 16.39 -0.76
CA VAL D 293 31.13 16.01 -2.07
C VAL D 293 31.56 17.21 -2.91
N GLU D 294 32.56 16.99 -3.74
CA GLU D 294 33.03 18.00 -4.70
C GLU D 294 33.45 17.30 -5.97
N ILE D 295 32.95 17.78 -7.11
CA ILE D 295 33.20 17.15 -8.42
C ILE D 295 33.98 18.11 -9.30
N ASP D 296 35.21 17.73 -9.66
CA ASP D 296 36.00 18.50 -10.62
C ASP D 296 35.44 18.24 -12.02
N LEU D 297 34.69 19.20 -12.55
CA LEU D 297 34.09 19.07 -13.88
C LEU D 297 35.11 19.27 -14.99
N ARG D 298 36.35 19.63 -14.65
CA ARG D 298 37.42 19.65 -15.65
C ARG D 298 37.85 18.23 -16.08
N HIS D 299 37.75 17.25 -15.17
CA HIS D 299 38.42 15.95 -15.36
C HIS D 299 37.49 14.75 -15.60
N ARG D 300 36.91 14.65 -16.81
CA ARG D 300 36.07 13.50 -17.19
C ARG D 300 36.87 12.19 -17.11
N ILE D 301 36.20 11.10 -16.72
CA ILE D 301 36.86 9.79 -16.65
C ILE D 301 36.30 8.80 -17.69
N GLN D 302 37.22 8.16 -18.42
CA GLN D 302 36.90 7.17 -19.45
C GLN D 302 36.28 5.92 -18.81
N LEU D 303 35.12 5.52 -19.30
CA LEU D 303 34.43 4.33 -18.81
C LEU D 303 34.90 3.10 -19.59
N PRO D 304 35.54 2.12 -18.90
CA PRO D 304 35.86 0.85 -19.57
C PRO D 304 34.57 0.07 -19.88
N ASP D 305 34.64 -0.90 -20.80
CA ASP D 305 33.47 -1.73 -21.10
C ASP D 305 33.15 -2.65 -19.91
N LEU D 306 32.09 -3.45 -20.03
CA LEU D 306 31.51 -4.15 -18.87
C LEU D 306 32.50 -4.99 -18.06
N GLU D 307 33.47 -5.60 -18.72
CA GLU D 307 34.42 -6.50 -18.03
C GLU D 307 35.48 -5.74 -17.23
N ASN D 308 35.90 -4.57 -17.72
CA ASN D 308 36.94 -3.77 -17.06
C ASN D 308 36.44 -2.93 -15.89
N GLN D 309 35.13 -2.78 -15.76
CA GLN D 309 34.55 -2.08 -14.62
C GLN D 309 34.45 -2.99 -13.39
N ARG D 310 34.29 -4.29 -13.59
CA ARG D 310 34.31 -5.25 -12.49
C ARG D 310 35.71 -5.40 -11.90
N ASN D 311 36.70 -4.98 -12.66
CA ASN D 311 38.09 -4.88 -12.18
C ASN D 311 38.20 -3.66 -11.28
N PHE D 312 38.44 -3.90 -10.00
CA PHE D 312 38.49 -2.84 -9.00
C PHE D 312 39.79 -2.05 -9.05
N ASN D 313 40.92 -2.75 -9.17
CA ASN D 313 42.23 -2.10 -9.17
C ASN D 313 42.50 -1.20 -10.37
N GLU D 314 41.93 -1.54 -11.52
CA GLU D 314 42.03 -0.68 -12.71
C GLU D 314 41.27 0.62 -12.45
N LEU D 315 40.03 0.48 -11.98
CA LEU D 315 39.24 1.62 -11.59
C LEU D 315 39.98 2.48 -10.55
N SER D 316 40.60 1.82 -9.58
CA SER D 316 41.41 2.49 -8.55
C SER D 316 42.60 3.25 -9.18
N ARG D 317 43.34 2.56 -10.04
CA ARG D 317 44.51 3.14 -10.70
C ARG D 317 44.21 4.43 -11.47
N ILE D 318 43.06 4.49 -12.15
CA ILE D 318 42.72 5.66 -12.97
C ILE D 318 42.41 6.85 -12.07
N VAL D 319 41.64 6.61 -11.02
CA VAL D 319 41.23 7.66 -10.08
C VAL D 319 42.44 8.26 -9.37
N LEU D 320 43.38 7.42 -8.96
CA LEU D 320 44.63 7.90 -8.36
C LEU D 320 45.45 8.66 -9.42
N GLU D 321 45.49 8.16 -10.65
CA GLU D 321 46.10 8.90 -11.76
C GLU D 321 45.58 10.34 -11.82
N VAL D 322 44.26 10.49 -11.81
CA VAL D 322 43.64 11.81 -11.97
C VAL D 322 43.96 12.71 -10.77
N ARG D 323 43.88 12.16 -9.55
CA ARG D 323 44.28 12.89 -8.32
C ARG D 323 45.68 13.46 -8.49
N GLU D 324 46.58 12.65 -9.05
CA GLU D 324 47.96 13.03 -9.32
C GLU D 324 48.04 14.28 -10.20
N ARG D 325 47.32 14.24 -11.32
CA ARG D 325 47.28 15.35 -12.26
C ARG D 325 46.66 16.61 -11.64
N VAL D 326 45.68 16.43 -10.74
CA VAL D 326 45.00 17.53 -10.04
C VAL D 326 45.91 18.27 -9.06
N ARG D 327 46.68 17.53 -8.27
CA ARG D 327 47.60 18.15 -7.30
C ARG D 327 48.89 18.63 -7.99
N GLN D 328 49.07 18.23 -9.25
CA GLN D 328 50.12 18.79 -10.12
C GLN D 328 49.84 20.28 -10.37
N GLU D 329 48.56 20.62 -10.47
CA GLU D 329 48.11 21.95 -10.85
C GLU D 329 47.77 22.85 -9.64
N GLN D 330 47.08 22.31 -8.62
CA GLN D 330 46.61 23.09 -7.45
C GLN D 330 47.74 23.71 -6.61
N GLN D 331 48.89 23.04 -6.54
CA GLN D 331 50.08 23.60 -5.88
C GLN D 331 50.69 24.65 -6.80
N GLU D 332 51.34 24.21 -7.89
CA GLU D 332 51.87 25.10 -8.94
C GLU D 332 51.52 24.54 -10.31
N GLY D 392 24.13 7.70 -22.38
CA GLY D 392 25.43 7.13 -22.76
C GLY D 392 25.38 5.63 -22.96
N GLN D 393 26.04 4.90 -22.06
CA GLN D 393 26.35 3.48 -22.27
C GLN D 393 26.18 2.64 -20.99
N PRO D 394 26.16 1.29 -21.14
CA PRO D 394 26.03 0.36 -19.99
C PRO D 394 27.01 0.59 -18.84
N PHE D 395 26.59 0.22 -17.63
CA PHE D 395 27.32 0.47 -16.39
C PHE D 395 27.18 -0.68 -15.40
N VAL D 396 28.27 -0.99 -14.71
CA VAL D 396 28.27 -1.98 -13.62
C VAL D 396 29.27 -1.61 -12.54
N LEU D 397 28.96 -1.99 -11.31
CA LEU D 397 29.82 -1.71 -10.18
C LEU D 397 30.95 -2.70 -10.17
N PRO D 398 32.10 -2.33 -9.59
CA PRO D 398 33.14 -3.32 -9.39
C PRO D 398 32.75 -4.34 -8.31
N VAL D 399 33.22 -5.57 -8.49
CA VAL D 399 33.06 -6.62 -7.50
C VAL D 399 33.76 -6.20 -6.21
N GLY D 400 33.14 -6.54 -5.08
CA GLY D 400 33.73 -6.26 -3.77
C GLY D 400 33.34 -4.90 -3.23
N VAL D 401 32.92 -3.99 -4.10
CA VAL D 401 32.35 -2.72 -3.67
C VAL D 401 30.91 -2.94 -3.29
N SER D 402 30.55 -2.56 -2.06
CA SER D 402 29.18 -2.72 -1.57
C SER D 402 28.30 -1.52 -1.91
N SER D 403 27.04 -1.79 -2.22
CA SER D 403 26.05 -0.76 -2.56
C SER D 403 24.70 -1.09 -1.91
N ARG D 404 24.34 -0.35 -0.86
CA ARG D 404 23.10 -0.58 -0.12
C ARG D 404 21.87 -0.66 -1.02
N ASN D 405 21.84 0.14 -2.08
CA ASN D 405 20.64 0.19 -2.91
C ASN D 405 20.28 -1.10 -3.62
N GLU D 406 21.13 -1.52 -4.57
CA GLU D 406 20.92 -2.68 -5.48
C GLU D 406 20.41 -2.27 -6.86
N ASP D 407 19.24 -1.63 -6.91
CA ASP D 407 18.60 -1.28 -8.18
C ASP D 407 19.13 -0.01 -8.84
N TYR D 408 20.39 0.33 -8.60
CA TYR D 408 21.02 1.44 -9.29
C TYR D 408 21.01 1.11 -10.78
N PRO D 409 20.81 2.12 -11.65
CA PRO D 409 20.61 1.78 -13.05
C PRO D 409 21.87 1.15 -13.66
N ARG D 410 21.70 0.42 -14.76
CA ARG D 410 22.82 -0.19 -15.46
C ARG D 410 23.13 0.55 -16.76
N THR D 411 23.22 1.86 -16.68
CA THR D 411 23.53 2.69 -17.83
C THR D 411 23.73 4.14 -17.37
N CYS D 412 24.89 4.70 -17.70
CA CYS D 412 25.27 6.02 -17.21
C CYS D 412 25.81 6.87 -18.35
N ARG D 413 25.46 8.16 -18.35
CA ARG D 413 25.94 9.07 -19.40
C ARG D 413 27.45 9.36 -19.31
N MET D 414 27.96 9.64 -18.11
CA MET D 414 29.37 10.05 -17.94
C MET D 414 29.90 9.92 -16.50
N CYS D 415 31.17 10.31 -16.27
CA CYS D 415 31.83 10.23 -14.93
C CYS D 415 32.93 11.30 -14.72
N PHE D 416 33.16 11.73 -13.47
CA PHE D 416 34.16 12.77 -13.14
C PHE D 416 34.94 12.46 -11.88
N TYR D 417 36.11 13.08 -11.75
CA TYR D 417 36.89 13.01 -10.50
C TYR D 417 36.22 13.86 -9.42
N GLY D 418 35.93 13.23 -8.29
CA GLY D 418 35.46 13.97 -7.13
C GLY D 418 36.28 13.65 -5.89
N THR D 419 36.01 14.39 -4.81
CA THR D 419 36.59 14.11 -3.51
C THR D 419 35.56 14.32 -2.42
N GLY D 420 35.03 13.22 -1.91
CA GLY D 420 34.08 13.27 -0.80
C GLY D 420 34.76 13.48 0.53
N LEU D 421 34.02 13.98 1.52
CA LEU D 421 34.58 14.29 2.83
C LEU D 421 34.23 13.22 3.86
N ILE D 422 35.25 12.73 4.56
CA ILE D 422 35.04 11.77 5.65
C ILE D 422 35.61 12.31 6.94
N ALA D 423 35.07 11.84 8.04
CA ALA D 423 35.60 12.13 9.36
C ALA D 423 35.20 11.04 10.35
N GLY D 424 35.82 11.09 11.52
CA GLY D 424 35.51 10.13 12.56
C GLY D 424 34.34 10.65 13.33
N HIS D 425 33.79 9.80 14.20
CA HIS D 425 32.68 10.21 15.04
C HIS D 425 32.97 11.53 15.78
N GLY D 426 31.98 12.38 15.85
CA GLY D 426 32.13 13.72 16.41
C GLY D 426 32.69 14.73 15.42
N PHE D 427 32.83 14.30 14.15
CA PHE D 427 33.34 15.17 13.10
C PHE D 427 34.76 15.54 13.45
N THR D 428 35.60 14.52 13.57
CA THR D 428 36.98 14.68 14.03
C THR D 428 37.98 14.36 12.93
N SER D 429 39.06 15.13 12.85
CA SER D 429 40.13 14.85 11.89
C SER D 429 39.55 14.56 10.50
N PRO D 430 38.73 15.48 9.98
CA PRO D 430 38.12 15.34 8.65
C PRO D 430 39.11 15.57 7.51
N GLU D 431 38.86 14.90 6.38
CA GLU D 431 39.70 15.04 5.21
C GLU D 431 38.99 14.67 3.93
N ARG D 432 39.47 15.20 2.80
CA ARG D 432 38.96 14.81 1.49
C ARG D 432 39.56 13.44 1.15
N THR D 433 38.76 12.53 0.63
CA THR D 433 39.24 11.25 0.06
C THR D 433 38.90 11.18 -1.39
N PRO D 434 39.74 10.47 -2.16
CA PRO D 434 39.46 10.30 -3.57
C PRO D 434 38.15 9.57 -3.83
N GLY D 435 37.59 9.84 -5.00
CA GLY D 435 36.41 9.15 -5.50
C GLY D 435 36.08 9.49 -6.94
N VAL D 436 35.15 8.73 -7.50
CA VAL D 436 34.62 9.01 -8.83
C VAL D 436 33.11 9.18 -8.78
N PHE D 437 32.65 10.21 -9.48
CA PHE D 437 31.24 10.60 -9.57
C PHE D 437 30.65 10.01 -10.85
N ILE D 438 29.41 9.54 -10.77
CA ILE D 438 28.75 8.88 -11.91
C ILE D 438 27.35 9.40 -12.12
N LEU D 439 27.13 10.08 -13.24
CA LEU D 439 25.82 10.58 -13.62
C LEU D 439 25.06 9.48 -14.36
N PHE D 440 23.81 9.25 -13.99
CA PHE D 440 22.98 8.22 -14.63
C PHE D 440 21.94 8.81 -15.58
N ASP D 441 21.24 9.85 -15.11
CA ASP D 441 20.30 10.61 -15.95
C ASP D 441 20.06 12.01 -15.35
N GLU D 442 19.03 12.71 -15.81
CA GLU D 442 18.78 14.07 -15.34
C GLU D 442 18.59 14.15 -13.83
N ASP D 443 18.22 13.04 -13.20
CA ASP D 443 18.10 13.07 -11.76
C ASP D 443 18.50 11.80 -11.02
N ARG D 444 19.58 11.18 -11.47
CA ARG D 444 20.26 10.21 -10.62
C ARG D 444 21.78 10.29 -10.81
N PHE D 445 22.52 10.27 -9.70
CA PHE D 445 23.97 10.13 -9.76
C PHE D 445 24.49 9.27 -8.62
N GLY D 446 25.72 8.79 -8.77
CA GLY D 446 26.37 7.96 -7.77
C GLY D 446 27.76 8.45 -7.44
N PHE D 447 28.28 8.03 -6.30
CA PHE D 447 29.68 8.32 -5.95
C PHE D 447 30.32 7.12 -5.33
N VAL D 448 31.42 6.65 -5.92
CA VAL D 448 32.18 5.56 -5.37
C VAL D 448 33.21 6.14 -4.42
N TRP D 449 33.06 5.84 -3.14
CA TRP D 449 34.04 6.20 -2.14
C TRP D 449 35.21 5.23 -2.29
N LEU D 450 36.32 5.76 -2.79
CA LEU D 450 37.40 4.92 -3.28
C LEU D 450 38.02 4.16 -2.12
N GLU D 451 38.34 4.89 -1.04
CA GLU D 451 38.99 4.30 0.13
C GLU D 451 38.15 3.24 0.86
N LEU D 452 36.83 3.34 0.77
CA LEU D 452 35.96 2.52 1.60
C LEU D 452 35.23 1.42 0.81
N LYS D 453 35.49 1.31 -0.49
CA LYS D 453 34.81 0.30 -1.32
C LYS D 453 33.31 0.42 -1.10
N SER D 454 32.84 1.66 -1.12
CA SER D 454 31.49 2.00 -0.75
C SER D 454 30.88 2.80 -1.89
N PHE D 455 29.59 2.57 -2.14
CA PHE D 455 28.88 3.30 -3.17
C PHE D 455 27.66 3.99 -2.59
N SER D 456 27.60 5.32 -2.75
CA SER D 456 26.42 6.11 -2.44
C SER D 456 25.58 6.41 -3.70
N LEU D 457 24.28 6.14 -3.64
CA LEU D 457 23.37 6.49 -4.71
C LEU D 457 22.56 7.74 -4.34
N TYR D 458 22.20 8.54 -5.34
CA TYR D 458 21.47 9.80 -5.14
C TYR D 458 20.37 9.98 -6.19
N SER D 459 19.15 10.29 -5.78
CA SER D 459 18.06 10.55 -6.73
C SER D 459 17.36 11.86 -6.38
N ARG D 460 16.94 12.60 -7.40
CA ARG D 460 16.43 13.94 -7.17
C ARG D 460 15.12 13.90 -6.41
N VAL D 461 14.98 14.93 -5.59
CA VAL D 461 13.77 15.26 -4.87
C VAL D 461 12.85 15.95 -5.85
N GLN D 462 11.71 15.32 -6.12
CA GLN D 462 10.74 15.79 -7.10
C GLN D 462 9.78 16.83 -6.55
N ALA D 463 9.82 17.10 -5.26
CA ALA D 463 8.87 18.03 -4.68
C ALA D 463 9.18 19.45 -5.14
N THR D 464 8.16 20.29 -5.16
CA THR D 464 8.30 21.68 -5.56
C THR D 464 8.22 22.56 -4.33
N PHE D 465 9.30 23.29 -4.07
CA PHE D 465 9.34 24.19 -2.91
C PHE D 465 9.08 25.65 -3.30
N ARG D 466 8.28 26.32 -2.48
CA ARG D 466 7.91 27.71 -2.65
C ARG D 466 8.77 28.62 -1.78
N ASN D 467 9.00 29.84 -2.23
CA ASN D 467 9.81 30.87 -1.53
C ASN D 467 11.27 30.47 -1.36
N ALA D 468 11.75 29.51 -2.15
CA ALA D 468 13.03 28.88 -1.83
C ALA D 468 14.25 29.46 -2.55
N ASP D 469 14.04 30.35 -3.51
CA ASP D 469 15.14 30.86 -4.33
C ASP D 469 16.02 31.85 -3.58
N ALA D 470 17.26 31.97 -4.03
CA ALA D 470 18.17 32.94 -3.46
C ALA D 470 18.00 34.28 -4.17
N PRO D 471 18.09 35.40 -3.42
CA PRO D 471 18.26 36.74 -4.00
C PRO D 471 19.31 36.79 -5.11
N SER D 472 20.47 36.19 -4.86
CA SER D 472 21.57 36.21 -5.81
C SER D 472 22.51 35.02 -5.60
N PRO D 473 23.29 34.65 -6.63
CA PRO D 473 24.27 33.55 -6.54
C PRO D 473 25.41 33.73 -5.51
N GLN D 474 25.62 34.95 -5.01
CA GLN D 474 26.58 35.16 -3.92
C GLN D 474 25.89 35.14 -2.55
N ALA D 475 24.61 35.48 -2.51
CA ALA D 475 23.80 35.24 -1.30
C ALA D 475 23.62 33.74 -1.04
N PHE D 476 23.69 32.94 -2.10
CA PHE D 476 23.74 31.48 -2.01
C PHE D 476 25.08 31.01 -1.48
N ASP D 477 26.16 31.53 -2.03
CA ASP D 477 27.50 31.24 -1.49
C ASP D 477 27.56 31.61 -0.01
N GLU D 478 27.09 32.81 0.34
CA GLU D 478 27.06 33.27 1.73
C GLU D 478 26.34 32.26 2.60
N MET D 479 25.12 31.95 2.22
CA MET D 479 24.30 30.96 2.93
C MET D 479 25.07 29.65 3.13
N LEU D 480 25.73 29.16 2.08
CA LEU D 480 26.48 27.91 2.15
C LEU D 480 27.55 27.96 3.22
N LYS D 481 28.20 29.12 3.30
CA LYS D 481 29.28 29.32 4.26
C LYS D 481 28.78 29.46 5.70
N ASN D 482 27.58 30.02 5.89
CA ASN D 482 27.04 30.19 7.26
C ASN D 482 26.66 28.85 7.87
N ILE D 483 25.89 28.07 7.13
CA ILE D 483 25.49 26.75 7.60
C ILE D 483 26.71 25.84 7.77
N GLN D 484 27.72 26.01 6.94
CA GLN D 484 28.94 25.23 7.11
C GLN D 484 29.65 25.59 8.41
N SER D 485 29.67 26.86 8.77
CA SER D 485 30.32 27.24 10.02
C SER D 485 29.41 26.97 11.22
N LEU D 486 28.10 26.86 10.97
CA LEU D 486 27.16 26.51 12.04
C LEU D 486 27.60 25.20 12.67
N THR D 487 27.99 24.24 11.84
CA THR D 487 28.40 22.91 12.34
C THR D 487 29.89 22.65 12.26
N SER D 488 30.68 23.71 12.19
CA SER D 488 32.12 23.55 12.04
C SER D 488 32.76 23.36 13.41
N PRO E 9 -53.15 -34.50 6.63
CA PRO E 9 -52.16 -33.43 6.71
C PRO E 9 -52.37 -32.34 5.67
N THR E 10 -51.67 -31.20 5.81
CA THR E 10 -51.73 -30.13 4.80
C THR E 10 -50.94 -30.52 3.54
N ASP E 11 -51.27 -31.71 3.00
CA ASP E 11 -50.73 -32.19 1.73
C ASP E 11 -51.28 -31.34 0.59
N VAL E 12 -52.43 -30.70 0.83
CA VAL E 12 -53.04 -29.76 -0.12
C VAL E 12 -51.99 -28.92 -0.87
N ARG E 13 -50.86 -28.62 -0.22
CA ARG E 13 -49.75 -27.98 -0.94
C ARG E 13 -48.35 -28.03 -0.32
N ASP E 14 -48.12 -28.84 0.74
CA ASP E 14 -46.79 -29.01 1.40
C ASP E 14 -45.64 -29.38 0.45
N VAL E 15 -46.00 -30.06 -0.63
CA VAL E 15 -45.12 -30.49 -1.70
C VAL E 15 -44.28 -29.37 -2.36
N ASP E 16 -44.68 -28.12 -2.21
CA ASP E 16 -44.08 -27.06 -2.98
C ASP E 16 -42.75 -26.61 -2.41
N ILE E 17 -42.42 -27.14 -1.23
CA ILE E 17 -41.12 -26.85 -0.68
C ILE E 17 -40.08 -27.76 -1.28
N VAL F 12 33.17 -2.55 7.42
CA VAL F 12 34.34 -2.12 8.26
C VAL F 12 34.24 -0.65 8.74
N ARG F 13 34.10 0.30 7.81
CA ARG F 13 34.07 1.72 8.16
C ARG F 13 33.44 2.64 7.09
N ASP F 14 32.31 2.20 6.54
CA ASP F 14 31.47 3.05 5.68
C ASP F 14 30.76 4.15 6.49
N VAL F 15 30.97 4.13 7.79
CA VAL F 15 30.40 5.09 8.74
C VAL F 15 30.90 6.53 8.49
N ASP F 16 32.15 6.65 8.07
CA ASP F 16 32.86 7.94 8.09
C ASP F 16 32.34 8.99 7.09
N ILE F 17 31.47 8.55 6.16
CA ILE F 17 30.86 9.50 5.19
C ILE F 17 29.75 10.39 5.76
#